data_1MY9
# 
_entry.id   1MY9 
# 
_audit_conform.dict_name       mmcif_pdbx.dic 
_audit_conform.dict_version    5.392 
_audit_conform.dict_location   http://mmcif.pdb.org/dictionaries/ascii/mmcif_pdbx.dic 
# 
loop_
_database_2.database_id 
_database_2.database_code 
_database_2.pdbx_database_accession 
_database_2.pdbx_DOI 
PDB   1MY9         pdb_00001my9 10.2210/pdb1my9/pdb 
RCSB  RCSB017306   ?            ?                   
WWPDB D_1000017306 ?            ?                   
# 
loop_
_pdbx_audit_revision_history.ordinal 
_pdbx_audit_revision_history.data_content_type 
_pdbx_audit_revision_history.major_revision 
_pdbx_audit_revision_history.minor_revision 
_pdbx_audit_revision_history.revision_date 
1 'Structure model' 1 0 2003-10-07 
2 'Structure model' 1 1 2008-04-28 
3 'Structure model' 1 2 2011-07-13 
4 'Structure model' 1 3 2022-02-23 
5 'Structure model' 1 4 2024-05-22 
# 
_pdbx_audit_revision_details.ordinal             1 
_pdbx_audit_revision_details.revision_ordinal    1 
_pdbx_audit_revision_details.data_content_type   'Structure model' 
_pdbx_audit_revision_details.provider            repository 
_pdbx_audit_revision_details.type                'Initial release' 
_pdbx_audit_revision_details.description         ? 
_pdbx_audit_revision_details.details             ? 
# 
loop_
_pdbx_audit_revision_group.ordinal 
_pdbx_audit_revision_group.revision_ordinal 
_pdbx_audit_revision_group.data_content_type 
_pdbx_audit_revision_group.group 
1 2 'Structure model' 'Version format compliance' 
2 3 'Structure model' 'Version format compliance' 
3 4 'Structure model' 'Database references'       
4 4 'Structure model' 'Derived calculations'      
5 5 'Structure model' 'Data collection'           
# 
loop_
_pdbx_audit_revision_category.ordinal 
_pdbx_audit_revision_category.revision_ordinal 
_pdbx_audit_revision_category.data_content_type 
_pdbx_audit_revision_category.category 
1 4 'Structure model' database_2            
2 4 'Structure model' pdbx_struct_assembly  
3 4 'Structure model' pdbx_struct_oper_list 
4 5 'Structure model' chem_comp_atom        
5 5 'Structure model' chem_comp_bond        
# 
loop_
_pdbx_audit_revision_item.ordinal 
_pdbx_audit_revision_item.revision_ordinal 
_pdbx_audit_revision_item.data_content_type 
_pdbx_audit_revision_item.item 
1 4 'Structure model' '_database_2.pdbx_DOI'                
2 4 'Structure model' '_database_2.pdbx_database_accession' 
# 
_pdbx_database_status.status_code                     REL 
_pdbx_database_status.entry_id                        1MY9 
_pdbx_database_status.recvd_initial_deposition_date   2002-10-04 
_pdbx_database_status.deposit_site                    RCSB 
_pdbx_database_status.process_site                    RCSB 
_pdbx_database_status.SG_entry                        . 
_pdbx_database_status.pdb_format_compatible           Y 
_pdbx_database_status.status_code_mr                  ? 
_pdbx_database_status.status_code_sf                  ? 
_pdbx_database_status.status_code_cs                  ? 
_pdbx_database_status.status_code_nmr_data            ? 
_pdbx_database_status.methods_development_category    ? 
# 
loop_
_audit_author.name 
_audit_author.pdbx_ordinal 
'Liu, H.'       1 
'Matsugami, A.' 2 
'Katahira, M.'  3 
'Uesugi, S.'    4 
# 
_citation.id                        primary 
_citation.title                     
'A Dimeric RNA Quadruplex Architecture Comprised of Two G:G(:A):G:G(:A) Hexads, G:G:G:G Tetrads and UUUU Loops' 
_citation.journal_abbrev            J.Mol.Biol. 
_citation.journal_volume            322 
_citation.page_first                955 
_citation.page_last                 970 
_citation.year                      2002 
_citation.journal_id_ASTM           JMOBAK 
_citation.country                   UK 
_citation.journal_id_ISSN           0022-2836 
_citation.journal_id_CSD            0070 
_citation.book_publisher            ? 
_citation.pdbx_database_id_PubMed   12367521 
_citation.pdbx_database_id_DOI      '10.1016/S0022-2836(02)00876-8' 
# 
loop_
_citation_author.citation_id 
_citation_author.name 
_citation_author.ordinal 
_citation_author.identifier_ORCID 
primary 'Liu, H.'       1 ? 
primary 'Matsugami, A.' 2 ? 
primary 'Katahira, M.'  3 ? 
primary 'Uesugi, S.'    4 ? 
# 
_entity.id                         1 
_entity.type                       polymer 
_entity.src_method                 syn 
_entity.pdbx_description           "5'-R(*GP*GP*AP*GP*GP*UP*UP*UP*UP*GP*GP*AP*GP*G)-3'" 
_entity.formula_weight             4599.764 
_entity.pdbx_number_of_molecules   2 
_entity.pdbx_ec                    ? 
_entity.pdbx_mutation              ? 
_entity.pdbx_fragment              ? 
_entity.details                    'K+ CATION STABILIZED' 
# 
_entity_poly.entity_id                      1 
_entity_poly.type                           polyribonucleotide 
_entity_poly.nstd_linkage                   no 
_entity_poly.nstd_monomer                   no 
_entity_poly.pdbx_seq_one_letter_code       GGAGGUUUUGGAGG 
_entity_poly.pdbx_seq_one_letter_code_can   GGAGGUUUUGGAGG 
_entity_poly.pdbx_strand_id                 A,B 
_entity_poly.pdbx_target_identifier         ? 
# 
loop_
_entity_poly_seq.entity_id 
_entity_poly_seq.num 
_entity_poly_seq.mon_id 
_entity_poly_seq.hetero 
1 1  G n 
1 2  G n 
1 3  A n 
1 4  G n 
1 5  G n 
1 6  U n 
1 7  U n 
1 8  U n 
1 9  U n 
1 10 G n 
1 11 G n 
1 12 A n 
1 13 G n 
1 14 G n 
# 
loop_
_chem_comp.id 
_chem_comp.type 
_chem_comp.mon_nstd_flag 
_chem_comp.name 
_chem_comp.pdbx_synonyms 
_chem_comp.formula 
_chem_comp.formula_weight 
A 'RNA linking' y "ADENOSINE-5'-MONOPHOSPHATE" ? 'C10 H14 N5 O7 P' 347.221 
G 'RNA linking' y "GUANOSINE-5'-MONOPHOSPHATE" ? 'C10 H14 N5 O8 P' 363.221 
U 'RNA linking' y "URIDINE-5'-MONOPHOSPHATE"   ? 'C9 H13 N2 O9 P'  324.181 
# 
loop_
_pdbx_poly_seq_scheme.asym_id 
_pdbx_poly_seq_scheme.entity_id 
_pdbx_poly_seq_scheme.seq_id 
_pdbx_poly_seq_scheme.mon_id 
_pdbx_poly_seq_scheme.ndb_seq_num 
_pdbx_poly_seq_scheme.pdb_seq_num 
_pdbx_poly_seq_scheme.auth_seq_num 
_pdbx_poly_seq_scheme.pdb_mon_id 
_pdbx_poly_seq_scheme.auth_mon_id 
_pdbx_poly_seq_scheme.pdb_strand_id 
_pdbx_poly_seq_scheme.pdb_ins_code 
_pdbx_poly_seq_scheme.hetero 
A 1 1  G 1  1  1  G G A . n 
A 1 2  G 2  2  2  G G A . n 
A 1 3  A 3  3  3  A A A . n 
A 1 4  G 4  4  4  G G A . n 
A 1 5  G 5  5  5  G G A . n 
A 1 6  U 6  6  6  U U A . n 
A 1 7  U 7  7  7  U U A . n 
A 1 8  U 8  8  8  U U A . n 
A 1 9  U 9  9  9  U U A . n 
A 1 10 G 10 10 10 G G A . n 
A 1 11 G 11 11 11 G G A . n 
A 1 12 A 12 12 12 A A A . n 
A 1 13 G 13 13 13 G G A . n 
A 1 14 G 14 14 14 G G A . n 
B 1 1  G 1  15 15 G G B . n 
B 1 2  G 2  16 16 G G B . n 
B 1 3  A 3  17 17 A A B . n 
B 1 4  G 4  18 18 G G B . n 
B 1 5  G 5  19 19 G G B . n 
B 1 6  U 6  20 20 U U B . n 
B 1 7  U 7  21 21 U U B . n 
B 1 8  U 8  22 22 U U B . n 
B 1 9  U 9  23 23 U U B . n 
B 1 10 G 10 24 24 G G B . n 
B 1 11 G 11 25 25 G G B . n 
B 1 12 A 12 26 26 A A B . n 
B 1 13 G 13 27 27 G G B . n 
B 1 14 G 14 28 28 G G B . n 
# 
_exptl.entry_id          1MY9 
_exptl.method            'SOLUTION NMR' 
_exptl.crystals_number   ? 
# 
_exptl_crystal.id                    1 
_exptl_crystal.density_meas          ? 
_exptl_crystal.density_Matthews      ? 
_exptl_crystal.density_percent_sol   ? 
_exptl_crystal.description           ? 
# 
_diffrn.id                     1 
_diffrn.ambient_temp           ? 
_diffrn.ambient_temp_details   ? 
_diffrn.crystal_id             1 
# 
_diffrn_radiation.diffrn_id                        1 
_diffrn_radiation.wavelength_id                    1 
_diffrn_radiation.pdbx_monochromatic_or_laue_m_l   M 
_diffrn_radiation.monochromator                    ? 
_diffrn_radiation.pdbx_diffrn_protocol             'SINGLE WAVELENGTH' 
_diffrn_radiation.pdbx_scattering_type             ? 
# 
_diffrn_radiation_wavelength.id           1 
_diffrn_radiation_wavelength.wavelength   . 
_diffrn_radiation_wavelength.wt           1.0 
# 
_struct.entry_id                  1MY9 
_struct.title                     
;Solution structure of a K+ cation stabilized dimeric RNA quadruplex containing two G:G(:A):G:G(:A) hexads, G:G:G:G tetrads and UUUU loops
;
_struct.pdbx_model_details        ? 
_struct.pdbx_CASP_flag            ? 
_struct.pdbx_model_type_details   ? 
# 
_struct_keywords.entry_id        1MY9 
_struct_keywords.pdbx_keywords   RNA 
_struct_keywords.text            'Parallel RNA quadruplex with a loop, Dimer of two quadruplexes, RNA' 
# 
loop_
_struct_asym.id 
_struct_asym.pdbx_blank_PDB_chainid_flag 
_struct_asym.pdbx_modified 
_struct_asym.entity_id 
_struct_asym.details 
A N N 1 ? 
B N N 1 ? 
# 
_struct_ref.id                         1 
_struct_ref.entity_id                  1 
_struct_ref.db_name                    PDB 
_struct_ref.db_code                    1MY9 
_struct_ref.pdbx_db_accession          1MY9 
_struct_ref.pdbx_db_isoform            ? 
_struct_ref.pdbx_seq_one_letter_code   ? 
_struct_ref.pdbx_align_begin           ? 
# 
loop_
_struct_ref_seq.align_id 
_struct_ref_seq.ref_id 
_struct_ref_seq.pdbx_PDB_id_code 
_struct_ref_seq.pdbx_strand_id 
_struct_ref_seq.seq_align_beg 
_struct_ref_seq.pdbx_seq_align_beg_ins_code 
_struct_ref_seq.seq_align_end 
_struct_ref_seq.pdbx_seq_align_end_ins_code 
_struct_ref_seq.pdbx_db_accession 
_struct_ref_seq.db_align_beg 
_struct_ref_seq.pdbx_db_align_beg_ins_code 
_struct_ref_seq.db_align_end 
_struct_ref_seq.pdbx_db_align_end_ins_code 
_struct_ref_seq.pdbx_auth_seq_align_beg 
_struct_ref_seq.pdbx_auth_seq_align_end 
1 1 1MY9 A 1 ? 14 ? 1MY9 1  ? 14 ? 1  14 
2 1 1MY9 B 1 ? 14 ? 1MY9 15 ? 28 ? 15 28 
# 
_pdbx_struct_assembly.id                   1 
_pdbx_struct_assembly.details              author_defined_assembly 
_pdbx_struct_assembly.method_details       ? 
_pdbx_struct_assembly.oligomeric_details   dimeric 
_pdbx_struct_assembly.oligomeric_count     2 
# 
_pdbx_struct_assembly_gen.assembly_id       1 
_pdbx_struct_assembly_gen.oper_expression   1 
_pdbx_struct_assembly_gen.asym_id_list      A,B 
# 
_pdbx_struct_oper_list.id                   1 
_pdbx_struct_oper_list.type                 'identity operation' 
_pdbx_struct_oper_list.name                 1_555 
_pdbx_struct_oper_list.symmetry_operation   x,y,z 
_pdbx_struct_oper_list.matrix[1][1]         1.0000000000 
_pdbx_struct_oper_list.matrix[1][2]         0.0000000000 
_pdbx_struct_oper_list.matrix[1][3]         0.0000000000 
_pdbx_struct_oper_list.vector[1]            0.0000000000 
_pdbx_struct_oper_list.matrix[2][1]         0.0000000000 
_pdbx_struct_oper_list.matrix[2][2]         1.0000000000 
_pdbx_struct_oper_list.matrix[2][3]         0.0000000000 
_pdbx_struct_oper_list.vector[2]            0.0000000000 
_pdbx_struct_oper_list.matrix[3][1]         0.0000000000 
_pdbx_struct_oper_list.matrix[3][2]         0.0000000000 
_pdbx_struct_oper_list.matrix[3][3]         1.0000000000 
_pdbx_struct_oper_list.vector[3]            0.0000000000 
# 
_struct_biol.id   1 
# 
loop_
_struct_conn.id 
_struct_conn.conn_type_id 
_struct_conn.pdbx_leaving_atom_flag 
_struct_conn.pdbx_PDB_id 
_struct_conn.ptnr1_label_asym_id 
_struct_conn.ptnr1_label_comp_id 
_struct_conn.ptnr1_label_seq_id 
_struct_conn.ptnr1_label_atom_id 
_struct_conn.pdbx_ptnr1_label_alt_id 
_struct_conn.pdbx_ptnr1_PDB_ins_code 
_struct_conn.pdbx_ptnr1_standard_comp_id 
_struct_conn.ptnr1_symmetry 
_struct_conn.ptnr2_label_asym_id 
_struct_conn.ptnr2_label_comp_id 
_struct_conn.ptnr2_label_seq_id 
_struct_conn.ptnr2_label_atom_id 
_struct_conn.pdbx_ptnr2_label_alt_id 
_struct_conn.pdbx_ptnr2_PDB_ins_code 
_struct_conn.ptnr1_auth_asym_id 
_struct_conn.ptnr1_auth_comp_id 
_struct_conn.ptnr1_auth_seq_id 
_struct_conn.ptnr2_auth_asym_id 
_struct_conn.ptnr2_auth_comp_id 
_struct_conn.ptnr2_auth_seq_id 
_struct_conn.ptnr2_symmetry 
_struct_conn.pdbx_ptnr3_label_atom_id 
_struct_conn.pdbx_ptnr3_label_seq_id 
_struct_conn.pdbx_ptnr3_label_comp_id 
_struct_conn.pdbx_ptnr3_label_asym_id 
_struct_conn.pdbx_ptnr3_label_alt_id 
_struct_conn.pdbx_ptnr3_PDB_ins_code 
_struct_conn.details 
_struct_conn.pdbx_dist_value 
_struct_conn.pdbx_value_order 
_struct_conn.pdbx_role 
hydrog1  hydrog ? ? A G 1  N2 ? ? ? 1_555 A A 3  N7 ? ? A G 1  A A 3  1_555 ? ? ? ? ? ? TYPE_11_PAIR  ? ? ? 
hydrog2  hydrog ? ? A G 1  N3 ? ? ? 1_555 A A 3  N6 ? ? A G 1  A A 3  1_555 ? ? ? ? ? ? TYPE_11_PAIR  ? ? ? 
hydrog3  hydrog ? ? A G 1  N1 ? ? ? 1_555 A G 4  O6 ? ? A G 1  A G 4  1_555 ? ? ? ? ? ? TYPE_6_PAIR   ? ? ? 
hydrog4  hydrog ? ? A G 1  N2 ? ? ? 1_555 A G 4  N7 ? ? A G 1  A G 4  1_555 ? ? ? ? ? ? TYPE_6_PAIR   ? ? ? 
hydrog5  hydrog ? ? A G 1  N7 ? ? ? 1_555 A G 13 N2 ? ? A G 1  A G 13 1_555 ? ? ? ? ? ? TYPE_6_PAIR   ? ? ? 
hydrog6  hydrog ? ? A G 1  O6 ? ? ? 1_555 A G 13 N1 ? ? A G 1  A G 13 1_555 ? ? ? ? ? ? TYPE_6_PAIR   ? ? ? 
hydrog7  hydrog ? ? A G 2  N1 ? ? ? 1_555 A G 5  O6 ? ? A G 2  A G 5  1_555 ? ? ? ? ? ? TYPE_6_PAIR   ? ? ? 
hydrog8  hydrog ? ? A G 2  N2 ? ? ? 1_555 A G 5  N7 ? ? A G 2  A G 5  1_555 ? ? ? ? ? ? TYPE_6_PAIR   ? ? ? 
hydrog9  hydrog ? ? A G 2  N7 ? ? ? 1_555 A G 14 N2 ? ? A G 2  A G 14 1_555 ? ? ? ? ? ? TYPE_6_PAIR   ? ? ? 
hydrog10 hydrog ? ? A G 2  O6 ? ? ? 1_555 A G 14 N1 ? ? A G 2  A G 14 1_555 ? ? ? ? ? ? TYPE_6_PAIR   ? ? ? 
hydrog11 hydrog ? ? A G 4  N1 ? ? ? 1_555 A G 10 O6 ? ? A G 4  A G 10 1_555 ? ? ? ? ? ? TYPE_6_PAIR   ? ? ? 
hydrog12 hydrog ? ? A G 4  N2 ? ? ? 1_555 A G 10 N7 ? ? A G 4  A G 10 1_555 ? ? ? ? ? ? TYPE_6_PAIR   ? ? ? 
hydrog13 hydrog ? ? A G 4  O6 ? ? ? 1_555 B G 13 N1 ? ? A G 4  B G 27 1_555 ? ? ? ? ? ? 'G-G MISPAIR' ? ? ? 
hydrog14 hydrog ? ? A G 5  N1 ? ? ? 1_555 A G 11 O6 ? ? A G 5  A G 11 1_555 ? ? ? ? ? ? TYPE_6_PAIR   ? ? ? 
hydrog15 hydrog ? ? A G 5  N2 ? ? ? 1_555 A G 11 N7 ? ? A G 5  A G 11 1_555 ? ? ? ? ? ? TYPE_6_PAIR   ? ? ? 
hydrog16 hydrog ? ? A G 10 N2 ? ? ? 1_555 A A 12 N7 ? ? A G 10 A A 12 1_555 ? ? ? ? ? ? TYPE_11_PAIR  ? ? ? 
hydrog17 hydrog ? ? A G 10 N3 ? ? ? 1_555 A A 12 N6 ? ? A G 10 A A 12 1_555 ? ? ? ? ? ? TYPE_11_PAIR  ? ? ? 
hydrog18 hydrog ? ? A G 10 N1 ? ? ? 1_555 A G 13 O6 ? ? A G 10 A G 13 1_555 ? ? ? ? ? ? TYPE_6_PAIR   ? ? ? 
hydrog19 hydrog ? ? A G 10 N2 ? ? ? 1_555 A G 13 N7 ? ? A G 10 A G 13 1_555 ? ? ? ? ? ? TYPE_6_PAIR   ? ? ? 
hydrog20 hydrog ? ? A G 11 N1 ? ? ? 1_555 A G 14 O6 ? ? A G 11 A G 14 1_555 ? ? ? ? ? ? TYPE_6_PAIR   ? ? ? 
hydrog21 hydrog ? ? A G 11 N2 ? ? ? 1_555 A G 14 N7 ? ? A G 11 A G 14 1_555 ? ? ? ? ? ? TYPE_6_PAIR   ? ? ? 
hydrog22 hydrog ? ? A A 12 N6 ? ? ? 1_555 B G 13 N7 ? ? A A 12 B G 27 1_555 ? ? ? ? ? ? 'A-G MISPAIR' ? ? ? 
hydrog23 hydrog ? ? A G 13 N7 ? ? ? 1_555 B A 12 N6 ? ? A G 13 B A 26 1_555 ? ? ? ? ? ? 'G-A MISPAIR' ? ? ? 
hydrog24 hydrog ? ? B G 1  N2 ? ? ? 1_555 B A 3  N7 ? ? B G 15 B A 17 1_555 ? ? ? ? ? ? TYPE_11_PAIR  ? ? ? 
hydrog25 hydrog ? ? B G 1  N3 ? ? ? 1_555 B A 3  N6 ? ? B G 15 B A 17 1_555 ? ? ? ? ? ? TYPE_11_PAIR  ? ? ? 
hydrog26 hydrog ? ? B G 1  N1 ? ? ? 1_555 B G 4  O6 ? ? B G 15 B G 18 1_555 ? ? ? ? ? ? TYPE_6_PAIR   ? ? ? 
hydrog27 hydrog ? ? B G 1  N2 ? ? ? 1_555 B G 4  N7 ? ? B G 15 B G 18 1_555 ? ? ? ? ? ? TYPE_6_PAIR   ? ? ? 
hydrog28 hydrog ? ? B G 1  N7 ? ? ? 1_555 B G 13 N2 ? ? B G 15 B G 27 1_555 ? ? ? ? ? ? TYPE_6_PAIR   ? ? ? 
hydrog29 hydrog ? ? B G 1  O6 ? ? ? 1_555 B G 13 N1 ? ? B G 15 B G 27 1_555 ? ? ? ? ? ? TYPE_6_PAIR   ? ? ? 
hydrog30 hydrog ? ? B G 2  N1 ? ? ? 1_555 B G 5  O6 ? ? B G 16 B G 19 1_555 ? ? ? ? ? ? TYPE_6_PAIR   ? ? ? 
hydrog31 hydrog ? ? B G 2  N2 ? ? ? 1_555 B G 5  N7 ? ? B G 16 B G 19 1_555 ? ? ? ? ? ? TYPE_6_PAIR   ? ? ? 
hydrog32 hydrog ? ? B G 2  N7 ? ? ? 1_555 B G 14 N2 ? ? B G 16 B G 28 1_555 ? ? ? ? ? ? TYPE_6_PAIR   ? ? ? 
hydrog33 hydrog ? ? B G 2  O6 ? ? ? 1_555 B G 14 N1 ? ? B G 16 B G 28 1_555 ? ? ? ? ? ? TYPE_6_PAIR   ? ? ? 
hydrog34 hydrog ? ? B G 4  N1 ? ? ? 1_555 B G 10 O6 ? ? B G 18 B G 24 1_555 ? ? ? ? ? ? TYPE_6_PAIR   ? ? ? 
hydrog35 hydrog ? ? B G 4  N2 ? ? ? 1_555 B G 10 N7 ? ? B G 18 B G 24 1_555 ? ? ? ? ? ? TYPE_6_PAIR   ? ? ? 
hydrog36 hydrog ? ? B G 5  N1 ? ? ? 1_555 B G 11 O6 ? ? B G 19 B G 25 1_555 ? ? ? ? ? ? TYPE_6_PAIR   ? ? ? 
hydrog37 hydrog ? ? B G 5  N2 ? ? ? 1_555 B G 11 N7 ? ? B G 19 B G 25 1_555 ? ? ? ? ? ? TYPE_6_PAIR   ? ? ? 
hydrog38 hydrog ? ? B G 10 N2 ? ? ? 1_555 B A 12 N7 ? ? B G 24 B A 26 1_555 ? ? ? ? ? ? TYPE_11_PAIR  ? ? ? 
hydrog39 hydrog ? ? B G 10 N3 ? ? ? 1_555 B A 12 N6 ? ? B G 24 B A 26 1_555 ? ? ? ? ? ? TYPE_11_PAIR  ? ? ? 
hydrog40 hydrog ? ? B G 10 N1 ? ? ? 1_555 B G 13 O6 ? ? B G 24 B G 27 1_555 ? ? ? ? ? ? TYPE_6_PAIR   ? ? ? 
hydrog41 hydrog ? ? B G 10 N2 ? ? ? 1_555 B G 13 N7 ? ? B G 24 B G 27 1_555 ? ? ? ? ? ? TYPE_6_PAIR   ? ? ? 
hydrog42 hydrog ? ? B G 11 N1 ? ? ? 1_555 B G 14 O6 ? ? B G 25 B G 28 1_555 ? ? ? ? ? ? TYPE_6_PAIR   ? ? ? 
hydrog43 hydrog ? ? B G 11 N2 ? ? ? 1_555 B G 14 N7 ? ? B G 25 B G 28 1_555 ? ? ? ? ? ? TYPE_6_PAIR   ? ? ? 
# 
_struct_conn_type.id          hydrog 
_struct_conn_type.criteria    ? 
_struct_conn_type.reference   ? 
# 
loop_
_pdbx_validate_close_contact.id 
_pdbx_validate_close_contact.PDB_model_num 
_pdbx_validate_close_contact.auth_atom_id_1 
_pdbx_validate_close_contact.auth_asym_id_1 
_pdbx_validate_close_contact.auth_comp_id_1 
_pdbx_validate_close_contact.auth_seq_id_1 
_pdbx_validate_close_contact.PDB_ins_code_1 
_pdbx_validate_close_contact.label_alt_id_1 
_pdbx_validate_close_contact.auth_atom_id_2 
_pdbx_validate_close_contact.auth_asym_id_2 
_pdbx_validate_close_contact.auth_comp_id_2 
_pdbx_validate_close_contact.auth_seq_id_2 
_pdbx_validate_close_contact.PDB_ins_code_2 
_pdbx_validate_close_contact.label_alt_id_2 
_pdbx_validate_close_contact.dist 
1 1 "HO2'" A G 10 ? ? OP2   A G 11 ? ? 1.37 
2 1 "O5'"  A G 1  ? ? "H1'" B G 18 ? ? 1.53 
3 1 "O4'"  A G 10 ? ? H61   A A 12 ? ? 1.55 
4 1 "H1'"  A G 5  ? ? "O4'" A U 6  ? ? 1.60 
# 
loop_
_pdbx_validate_rmsd_angle.id 
_pdbx_validate_rmsd_angle.PDB_model_num 
_pdbx_validate_rmsd_angle.auth_atom_id_1 
_pdbx_validate_rmsd_angle.auth_asym_id_1 
_pdbx_validate_rmsd_angle.auth_comp_id_1 
_pdbx_validate_rmsd_angle.auth_seq_id_1 
_pdbx_validate_rmsd_angle.PDB_ins_code_1 
_pdbx_validate_rmsd_angle.label_alt_id_1 
_pdbx_validate_rmsd_angle.auth_atom_id_2 
_pdbx_validate_rmsd_angle.auth_asym_id_2 
_pdbx_validate_rmsd_angle.auth_comp_id_2 
_pdbx_validate_rmsd_angle.auth_seq_id_2 
_pdbx_validate_rmsd_angle.PDB_ins_code_2 
_pdbx_validate_rmsd_angle.label_alt_id_2 
_pdbx_validate_rmsd_angle.auth_atom_id_3 
_pdbx_validate_rmsd_angle.auth_asym_id_3 
_pdbx_validate_rmsd_angle.auth_comp_id_3 
_pdbx_validate_rmsd_angle.auth_seq_id_3 
_pdbx_validate_rmsd_angle.PDB_ins_code_3 
_pdbx_validate_rmsd_angle.label_alt_id_3 
_pdbx_validate_rmsd_angle.angle_value 
_pdbx_validate_rmsd_angle.angle_target_value 
_pdbx_validate_rmsd_angle.angle_deviation 
_pdbx_validate_rmsd_angle.angle_standard_deviation 
_pdbx_validate_rmsd_angle.linker_flag 
1  1 N7 A G 1  ? ? C8 A G 1  ? ? N9 A G 1  ? ? 117.41 113.10 4.31  0.50 N 
2  1 C8 A G 1  ? ? N9 A G 1  ? ? C4 A G 1  ? ? 103.92 106.40 -2.48 0.40 N 
3  1 N7 A G 2  ? ? C8 A G 2  ? ? N9 A G 2  ? ? 117.64 113.10 4.54  0.50 N 
4  1 C8 A G 2  ? ? N9 A G 2  ? ? C4 A G 2  ? ? 103.91 106.40 -2.49 0.40 N 
5  1 N7 A A 3  ? ? C8 A A 3  ? ? N9 A A 3  ? ? 117.21 113.80 3.41  0.50 N 
6  1 C8 A A 3  ? ? N9 A A 3  ? ? C4 A A 3  ? ? 103.19 105.80 -2.61 0.40 N 
7  1 N7 A G 4  ? ? C8 A G 4  ? ? N9 A G 4  ? ? 117.45 113.10 4.35  0.50 N 
8  1 C8 A G 4  ? ? N9 A G 4  ? ? C4 A G 4  ? ? 103.69 106.40 -2.71 0.40 N 
9  1 N7 A G 5  ? ? C8 A G 5  ? ? N9 A G 5  ? ? 117.69 113.10 4.59  0.50 N 
10 1 C8 A G 5  ? ? N9 A G 5  ? ? C4 A G 5  ? ? 103.73 106.40 -2.67 0.40 N 
11 1 N7 A G 10 ? ? C8 A G 10 ? ? N9 A G 10 ? ? 117.55 113.10 4.45  0.50 N 
12 1 C8 A G 10 ? ? N9 A G 10 ? ? C4 A G 10 ? ? 103.75 106.40 -2.65 0.40 N 
13 1 N7 A G 11 ? ? C8 A G 11 ? ? N9 A G 11 ? ? 117.62 113.10 4.52  0.50 N 
14 1 C8 A G 11 ? ? N9 A G 11 ? ? C4 A G 11 ? ? 103.80 106.40 -2.60 0.40 N 
15 1 N7 A A 12 ? ? C8 A A 12 ? ? N9 A A 12 ? ? 117.46 113.80 3.66  0.50 N 
16 1 C8 A A 12 ? ? N9 A A 12 ? ? C4 A A 12 ? ? 103.40 105.80 -2.40 0.40 N 
17 1 N7 A G 13 ? ? C8 A G 13 ? ? N9 A G 13 ? ? 117.68 113.10 4.58  0.50 N 
18 1 C8 A G 13 ? ? N9 A G 13 ? ? C4 A G 13 ? ? 103.61 106.40 -2.79 0.40 N 
19 1 N7 A G 14 ? ? C8 A G 14 ? ? N9 A G 14 ? ? 117.66 113.10 4.56  0.50 N 
20 1 C8 A G 14 ? ? N9 A G 14 ? ? C4 A G 14 ? ? 103.77 106.40 -2.63 0.40 N 
21 1 N7 B G 15 ? ? C8 B G 15 ? ? N9 B G 15 ? ? 117.46 113.10 4.36  0.50 N 
22 1 C8 B G 15 ? ? N9 B G 15 ? ? C4 B G 15 ? ? 103.84 106.40 -2.56 0.40 N 
23 1 N7 B G 16 ? ? C8 B G 16 ? ? N9 B G 16 ? ? 117.66 113.10 4.56  0.50 N 
24 1 C8 B G 16 ? ? N9 B G 16 ? ? C4 B G 16 ? ? 103.80 106.40 -2.60 0.40 N 
25 1 N7 B A 17 ? ? C8 B A 17 ? ? N9 B A 17 ? ? 117.26 113.80 3.46  0.50 N 
26 1 C8 B A 17 ? ? N9 B A 17 ? ? C4 B A 17 ? ? 103.22 105.80 -2.58 0.40 N 
27 1 N7 B G 18 ? ? C8 B G 18 ? ? N9 B G 18 ? ? 117.48 113.10 4.38  0.50 N 
28 1 C8 B G 18 ? ? N9 B G 18 ? ? C4 B G 18 ? ? 103.81 106.40 -2.59 0.40 N 
29 1 N7 B G 19 ? ? C8 B G 19 ? ? N9 B G 19 ? ? 117.62 113.10 4.52  0.50 N 
30 1 C8 B G 19 ? ? N9 B G 19 ? ? C4 B G 19 ? ? 103.70 106.40 -2.70 0.40 N 
31 1 N7 B G 24 ? ? C8 B G 24 ? ? N9 B G 24 ? ? 117.50 113.10 4.40  0.50 N 
32 1 C8 B G 24 ? ? N9 B G 24 ? ? C4 B G 24 ? ? 103.81 106.40 -2.59 0.40 N 
33 1 N7 B G 25 ? ? C8 B G 25 ? ? N9 B G 25 ? ? 117.59 113.10 4.49  0.50 N 
34 1 C8 B G 25 ? ? N9 B G 25 ? ? C4 B G 25 ? ? 103.83 106.40 -2.57 0.40 N 
35 1 N7 B A 26 ? ? C8 B A 26 ? ? N9 B A 26 ? ? 117.53 113.80 3.73  0.50 N 
36 1 C8 B A 26 ? ? N9 B A 26 ? ? C4 B A 26 ? ? 103.37 105.80 -2.43 0.40 N 
37 1 N7 B G 27 ? ? C8 B G 27 ? ? N9 B G 27 ? ? 117.57 113.10 4.47  0.50 N 
38 1 C8 B G 27 ? ? N9 B G 27 ? ? C4 B G 27 ? ? 103.74 106.40 -2.66 0.40 N 
39 1 N7 B G 28 ? ? C8 B G 28 ? ? N9 B G 28 ? ? 117.66 113.10 4.56  0.50 N 
40 1 C8 B G 28 ? ? N9 B G 28 ? ? C4 B G 28 ? ? 103.73 106.40 -2.67 0.40 N 
# 
_pdbx_nmr_ensemble.entry_id                                      1MY9 
_pdbx_nmr_ensemble.conformers_calculated_total_number            ? 
_pdbx_nmr_ensemble.conformers_submitted_total_number             1 
_pdbx_nmr_ensemble.conformer_selection_criteria                  'structures with the lowest energy' 
_pdbx_nmr_ensemble.average_constraints_per_residue               ? 
_pdbx_nmr_ensemble.average_constraint_violations_per_residue     ? 
_pdbx_nmr_ensemble.maximum_distance_constraint_violation         ? 
_pdbx_nmr_ensemble.average_distance_constraint_violation         ? 
_pdbx_nmr_ensemble.maximum_upper_distance_constraint_violation   ? 
_pdbx_nmr_ensemble.maximum_lower_distance_constraint_violation   ? 
_pdbx_nmr_ensemble.distance_constraint_violation_method          ? 
_pdbx_nmr_ensemble.maximum_torsion_angle_constraint_violation    ? 
_pdbx_nmr_ensemble.average_torsion_angle_constraint_violation    ? 
_pdbx_nmr_ensemble.torsion_angle_constraint_violation_method     ? 
# 
_pdbx_nmr_representative.entry_id             1MY9 
_pdbx_nmr_representative.conformer_id         1 
_pdbx_nmr_representative.selection_criteria   'lowest energy' 
# 
loop_
_pdbx_nmr_sample_details.solution_id 
_pdbx_nmr_sample_details.contents 
_pdbx_nmr_sample_details.solvent_system 
1 '1.6 mM RNA, 10 mM sodium phosphate buffer (pH 6.5),  16 mM KCl' '95% H2O/5% D2O' 
2 '1.6 mM RNA, 10 mM sodium phosphate buffer (pH 6.5),  16 mM KCl' '100% D2O'       
# 
loop_
_pdbx_nmr_exptl_sample_conditions.conditions_id 
_pdbx_nmr_exptl_sample_conditions.temperature 
_pdbx_nmr_exptl_sample_conditions.pressure 
_pdbx_nmr_exptl_sample_conditions.pH 
_pdbx_nmr_exptl_sample_conditions.ionic_strength 
_pdbx_nmr_exptl_sample_conditions.pressure_units 
_pdbx_nmr_exptl_sample_conditions.temperature_units 
1 283   ambient 6.5 '16 mM KCl' ? K 
2 305.5 ambient 6.5 '16 mM KCl' ? K 
# 
loop_
_pdbx_nmr_exptl.experiment_id 
_pdbx_nmr_exptl.solution_id 
_pdbx_nmr_exptl.conditions_id 
_pdbx_nmr_exptl.type 
1 1 1 '2D NOESY' 
2 2 2 '2D NOESY' 
3 2 2 '2D TOCSY' 
4 2 2 DQF-COSY   
# 
_pdbx_nmr_refine.entry_id           1MY9 
_pdbx_nmr_refine.method             'simulated annealing' 
_pdbx_nmr_refine.details            ? 
_pdbx_nmr_refine.software_ordinal   1 
# 
loop_
_pdbx_nmr_software.name 
_pdbx_nmr_software.version 
_pdbx_nmr_software.classification 
_pdbx_nmr_software.authors 
_pdbx_nmr_software.ordinal 
X-PLOR 3.851 'structure solution' Brunger 1 
X-PLOR 3.851 refinement           Brunger 2 
# 
loop_
_chem_comp_atom.comp_id 
_chem_comp_atom.atom_id 
_chem_comp_atom.type_symbol 
_chem_comp_atom.pdbx_aromatic_flag 
_chem_comp_atom.pdbx_stereo_config 
_chem_comp_atom.pdbx_ordinal 
A OP3    O N N 1   
A P      P N N 2   
A OP1    O N N 3   
A OP2    O N N 4   
A "O5'"  O N N 5   
A "C5'"  C N N 6   
A "C4'"  C N R 7   
A "O4'"  O N N 8   
A "C3'"  C N S 9   
A "O3'"  O N N 10  
A "C2'"  C N R 11  
A "O2'"  O N N 12  
A "C1'"  C N R 13  
A N9     N Y N 14  
A C8     C Y N 15  
A N7     N Y N 16  
A C5     C Y N 17  
A C6     C Y N 18  
A N6     N N N 19  
A N1     N Y N 20  
A C2     C Y N 21  
A N3     N Y N 22  
A C4     C Y N 23  
A HOP3   H N N 24  
A HOP2   H N N 25  
A "H5'"  H N N 26  
A "H5''" H N N 27  
A "H4'"  H N N 28  
A "H3'"  H N N 29  
A "HO3'" H N N 30  
A "H2'"  H N N 31  
A "HO2'" H N N 32  
A "H1'"  H N N 33  
A H8     H N N 34  
A H61    H N N 35  
A H62    H N N 36  
A H2     H N N 37  
G OP3    O N N 38  
G P      P N N 39  
G OP1    O N N 40  
G OP2    O N N 41  
G "O5'"  O N N 42  
G "C5'"  C N N 43  
G "C4'"  C N R 44  
G "O4'"  O N N 45  
G "C3'"  C N S 46  
G "O3'"  O N N 47  
G "C2'"  C N R 48  
G "O2'"  O N N 49  
G "C1'"  C N R 50  
G N9     N Y N 51  
G C8     C Y N 52  
G N7     N Y N 53  
G C5     C Y N 54  
G C6     C N N 55  
G O6     O N N 56  
G N1     N N N 57  
G C2     C N N 58  
G N2     N N N 59  
G N3     N N N 60  
G C4     C Y N 61  
G HOP3   H N N 62  
G HOP2   H N N 63  
G "H5'"  H N N 64  
G "H5''" H N N 65  
G "H4'"  H N N 66  
G "H3'"  H N N 67  
G "HO3'" H N N 68  
G "H2'"  H N N 69  
G "HO2'" H N N 70  
G "H1'"  H N N 71  
G H8     H N N 72  
G H1     H N N 73  
G H21    H N N 74  
G H22    H N N 75  
U OP3    O N N 76  
U P      P N N 77  
U OP1    O N N 78  
U OP2    O N N 79  
U "O5'"  O N N 80  
U "C5'"  C N N 81  
U "C4'"  C N R 82  
U "O4'"  O N N 83  
U "C3'"  C N S 84  
U "O3'"  O N N 85  
U "C2'"  C N R 86  
U "O2'"  O N N 87  
U "C1'"  C N R 88  
U N1     N N N 89  
U C2     C N N 90  
U O2     O N N 91  
U N3     N N N 92  
U C4     C N N 93  
U O4     O N N 94  
U C5     C N N 95  
U C6     C N N 96  
U HOP3   H N N 97  
U HOP2   H N N 98  
U "H5'"  H N N 99  
U "H5''" H N N 100 
U "H4'"  H N N 101 
U "H3'"  H N N 102 
U "HO3'" H N N 103 
U "H2'"  H N N 104 
U "HO2'" H N N 105 
U "H1'"  H N N 106 
U H3     H N N 107 
U H5     H N N 108 
U H6     H N N 109 
# 
loop_
_chem_comp_bond.comp_id 
_chem_comp_bond.atom_id_1 
_chem_comp_bond.atom_id_2 
_chem_comp_bond.value_order 
_chem_comp_bond.pdbx_aromatic_flag 
_chem_comp_bond.pdbx_stereo_config 
_chem_comp_bond.pdbx_ordinal 
A OP3   P      sing N N 1   
A OP3   HOP3   sing N N 2   
A P     OP1    doub N N 3   
A P     OP2    sing N N 4   
A P     "O5'"  sing N N 5   
A OP2   HOP2   sing N N 6   
A "O5'" "C5'"  sing N N 7   
A "C5'" "C4'"  sing N N 8   
A "C5'" "H5'"  sing N N 9   
A "C5'" "H5''" sing N N 10  
A "C4'" "O4'"  sing N N 11  
A "C4'" "C3'"  sing N N 12  
A "C4'" "H4'"  sing N N 13  
A "O4'" "C1'"  sing N N 14  
A "C3'" "O3'"  sing N N 15  
A "C3'" "C2'"  sing N N 16  
A "C3'" "H3'"  sing N N 17  
A "O3'" "HO3'" sing N N 18  
A "C2'" "O2'"  sing N N 19  
A "C2'" "C1'"  sing N N 20  
A "C2'" "H2'"  sing N N 21  
A "O2'" "HO2'" sing N N 22  
A "C1'" N9     sing N N 23  
A "C1'" "H1'"  sing N N 24  
A N9    C8     sing Y N 25  
A N9    C4     sing Y N 26  
A C8    N7     doub Y N 27  
A C8    H8     sing N N 28  
A N7    C5     sing Y N 29  
A C5    C6     sing Y N 30  
A C5    C4     doub Y N 31  
A C6    N6     sing N N 32  
A C6    N1     doub Y N 33  
A N6    H61    sing N N 34  
A N6    H62    sing N N 35  
A N1    C2     sing Y N 36  
A C2    N3     doub Y N 37  
A C2    H2     sing N N 38  
A N3    C4     sing Y N 39  
G OP3   P      sing N N 40  
G OP3   HOP3   sing N N 41  
G P     OP1    doub N N 42  
G P     OP2    sing N N 43  
G P     "O5'"  sing N N 44  
G OP2   HOP2   sing N N 45  
G "O5'" "C5'"  sing N N 46  
G "C5'" "C4'"  sing N N 47  
G "C5'" "H5'"  sing N N 48  
G "C5'" "H5''" sing N N 49  
G "C4'" "O4'"  sing N N 50  
G "C4'" "C3'"  sing N N 51  
G "C4'" "H4'"  sing N N 52  
G "O4'" "C1'"  sing N N 53  
G "C3'" "O3'"  sing N N 54  
G "C3'" "C2'"  sing N N 55  
G "C3'" "H3'"  sing N N 56  
G "O3'" "HO3'" sing N N 57  
G "C2'" "O2'"  sing N N 58  
G "C2'" "C1'"  sing N N 59  
G "C2'" "H2'"  sing N N 60  
G "O2'" "HO2'" sing N N 61  
G "C1'" N9     sing N N 62  
G "C1'" "H1'"  sing N N 63  
G N9    C8     sing Y N 64  
G N9    C4     sing Y N 65  
G C8    N7     doub Y N 66  
G C8    H8     sing N N 67  
G N7    C5     sing Y N 68  
G C5    C6     sing N N 69  
G C5    C4     doub Y N 70  
G C6    O6     doub N N 71  
G C6    N1     sing N N 72  
G N1    C2     sing N N 73  
G N1    H1     sing N N 74  
G C2    N2     sing N N 75  
G C2    N3     doub N N 76  
G N2    H21    sing N N 77  
G N2    H22    sing N N 78  
G N3    C4     sing N N 79  
U OP3   P      sing N N 80  
U OP3   HOP3   sing N N 81  
U P     OP1    doub N N 82  
U P     OP2    sing N N 83  
U P     "O5'"  sing N N 84  
U OP2   HOP2   sing N N 85  
U "O5'" "C5'"  sing N N 86  
U "C5'" "C4'"  sing N N 87  
U "C5'" "H5'"  sing N N 88  
U "C5'" "H5''" sing N N 89  
U "C4'" "O4'"  sing N N 90  
U "C4'" "C3'"  sing N N 91  
U "C4'" "H4'"  sing N N 92  
U "O4'" "C1'"  sing N N 93  
U "C3'" "O3'"  sing N N 94  
U "C3'" "C2'"  sing N N 95  
U "C3'" "H3'"  sing N N 96  
U "O3'" "HO3'" sing N N 97  
U "C2'" "O2'"  sing N N 98  
U "C2'" "C1'"  sing N N 99  
U "C2'" "H2'"  sing N N 100 
U "O2'" "HO2'" sing N N 101 
U "C1'" N1     sing N N 102 
U "C1'" "H1'"  sing N N 103 
U N1    C2     sing N N 104 
U N1    C6     sing N N 105 
U C2    O2     doub N N 106 
U C2    N3     sing N N 107 
U N3    C4     sing N N 108 
U N3    H3     sing N N 109 
U C4    O4     doub N N 110 
U C4    C5     sing N N 111 
U C5    C6     doub N N 112 
U C5    H5     sing N N 113 
U C6    H6     sing N N 114 
# 
_ndb_struct_conf_na.entry_id   1MY9 
_ndb_struct_conf_na.feature    'double helix' 
# 
loop_
_ndb_struct_na_base_pair.model_number 
_ndb_struct_na_base_pair.i_label_asym_id 
_ndb_struct_na_base_pair.i_label_comp_id 
_ndb_struct_na_base_pair.i_label_seq_id 
_ndb_struct_na_base_pair.i_symmetry 
_ndb_struct_na_base_pair.j_label_asym_id 
_ndb_struct_na_base_pair.j_label_comp_id 
_ndb_struct_na_base_pair.j_label_seq_id 
_ndb_struct_na_base_pair.j_symmetry 
_ndb_struct_na_base_pair.shear 
_ndb_struct_na_base_pair.stretch 
_ndb_struct_na_base_pair.stagger 
_ndb_struct_na_base_pair.buckle 
_ndb_struct_na_base_pair.propeller 
_ndb_struct_na_base_pair.opening 
_ndb_struct_na_base_pair.pair_number 
_ndb_struct_na_base_pair.pair_name 
_ndb_struct_na_base_pair.i_auth_asym_id 
_ndb_struct_na_base_pair.i_auth_seq_id 
_ndb_struct_na_base_pair.i_PDB_ins_code 
_ndb_struct_na_base_pair.j_auth_asym_id 
_ndb_struct_na_base_pair.j_auth_seq_id 
_ndb_struct_na_base_pair.j_PDB_ins_code 
_ndb_struct_na_base_pair.hbond_type_28 
_ndb_struct_na_base_pair.hbond_type_12 
1 A G 11 1_555 A G 14 1_555 1.671  2.575  -1.465 -26.724 50.366  -91.374 1 A_G11:G14_A A 11 ? A 14 ? 6 ? 
1 A G 1  1_555 A G 13 1_555 -0.529 -3.759 0.328  -16.923 0.605   101.415 2 A_G1:G13_A  A 1  ? A 13 ? 6 3 
1 A G 4  1_555 B G 13 1_555 -0.459 0.412  2.071  -0.080  34.679  18.244  3 A_G4:G27_B  A 4  ? B 27 ? ? ? 
1 B G 1  1_555 B G 4  1_555 1.015  3.231  1.211  9.881   -3.519  -84.126 4 B_G15:G18_B B 15 ? B 18 ? 6 3 
1 B G 11 1_555 B G 14 1_555 1.684  3.206  -1.152 -18.836 31.990  -88.174 5 B_G25:G28_B B 25 ? B 28 ? 6 ? 
1 B G 5  1_555 B G 2  1_555 -2.135 -3.322 -0.086 8.217   -20.933 82.301  6 B_G19:G16_B B 19 ? B 16 ? 6 ? 
# 
loop_
_ndb_struct_na_base_pair_step.model_number 
_ndb_struct_na_base_pair_step.i_label_asym_id_1 
_ndb_struct_na_base_pair_step.i_label_comp_id_1 
_ndb_struct_na_base_pair_step.i_label_seq_id_1 
_ndb_struct_na_base_pair_step.i_symmetry_1 
_ndb_struct_na_base_pair_step.j_label_asym_id_1 
_ndb_struct_na_base_pair_step.j_label_comp_id_1 
_ndb_struct_na_base_pair_step.j_label_seq_id_1 
_ndb_struct_na_base_pair_step.j_symmetry_1 
_ndb_struct_na_base_pair_step.i_label_asym_id_2 
_ndb_struct_na_base_pair_step.i_label_comp_id_2 
_ndb_struct_na_base_pair_step.i_label_seq_id_2 
_ndb_struct_na_base_pair_step.i_symmetry_2 
_ndb_struct_na_base_pair_step.j_label_asym_id_2 
_ndb_struct_na_base_pair_step.j_label_comp_id_2 
_ndb_struct_na_base_pair_step.j_label_seq_id_2 
_ndb_struct_na_base_pair_step.j_symmetry_2 
_ndb_struct_na_base_pair_step.shift 
_ndb_struct_na_base_pair_step.slide 
_ndb_struct_na_base_pair_step.rise 
_ndb_struct_na_base_pair_step.tilt 
_ndb_struct_na_base_pair_step.roll 
_ndb_struct_na_base_pair_step.twist 
_ndb_struct_na_base_pair_step.x_displacement 
_ndb_struct_na_base_pair_step.y_displacement 
_ndb_struct_na_base_pair_step.helical_rise 
_ndb_struct_na_base_pair_step.inclination 
_ndb_struct_na_base_pair_step.tip 
_ndb_struct_na_base_pair_step.helical_twist 
_ndb_struct_na_base_pair_step.step_number 
_ndb_struct_na_base_pair_step.step_name 
_ndb_struct_na_base_pair_step.i_auth_asym_id_1 
_ndb_struct_na_base_pair_step.i_auth_seq_id_1 
_ndb_struct_na_base_pair_step.i_PDB_ins_code_1 
_ndb_struct_na_base_pair_step.j_auth_asym_id_1 
_ndb_struct_na_base_pair_step.j_auth_seq_id_1 
_ndb_struct_na_base_pair_step.j_PDB_ins_code_1 
_ndb_struct_na_base_pair_step.i_auth_asym_id_2 
_ndb_struct_na_base_pair_step.i_auth_seq_id_2 
_ndb_struct_na_base_pair_step.i_PDB_ins_code_2 
_ndb_struct_na_base_pair_step.j_auth_asym_id_2 
_ndb_struct_na_base_pair_step.j_auth_seq_id_2 
_ndb_struct_na_base_pair_step.j_PDB_ins_code_2 
1 A G 11 1_555 A G 14 1_555 A G 1 1_555 A G 13 1_555 -0.796 -1.432 -4.341 -16.461 17.480   59.297   -0.309 1.745  -4.248 16.935 
15.948 63.562   1 AA_G11G1:G13G14_AA  A 11 ? A 14 ? A 1  ? A 13 ? 
1 A G 1  1_555 A G 13 1_555 A G 4 1_555 B G 13 1_555 -1.046 -4.148 -1.495 -6.042  0.270    125.788  -2.328 0.610  -1.471 0.151  
3.393  125.870  2 AA_G1G4:G27G13_BA   A 1  ? A 13 ? A 4  ? B 27 ? 
1 A G 4  1_555 B G 13 1_555 B G 1 1_555 B G 4  1_555 -1.558 1.229  -4.499 50.265  -164.158 -40.454  -2.127 -1.244 -0.029 84.679 
25.929 -172.195 3 AB_G4G15:G18G27_BB  A 4  ? B 27 ? B 15 ? B 18 ? 
1 B G 11 1_555 B G 14 1_555 B G 5 1_555 B G 2  1_555 0.603  3.235  -0.479 14.810  -9.374   -176.777 -1.619 0.301  -0.474 4.689  
7.408  -176.815 4 BB_G25G19:G16G28_BB B 25 ? B 28 ? B 19 ? B 16 ? 
# 
_pdbx_nmr_spectrometer.spectrometer_id   1 
_pdbx_nmr_spectrometer.type              ? 
_pdbx_nmr_spectrometer.manufacturer      Bruker 
_pdbx_nmr_spectrometer.model             DRX 
_pdbx_nmr_spectrometer.field_strength    600 
# 
_atom_sites.entry_id                    1MY9 
_atom_sites.fract_transf_matrix[1][1]   1.000000 
_atom_sites.fract_transf_matrix[1][2]   0.000000 
_atom_sites.fract_transf_matrix[1][3]   0.000000 
_atom_sites.fract_transf_matrix[2][1]   0.000000 
_atom_sites.fract_transf_matrix[2][2]   1.000000 
_atom_sites.fract_transf_matrix[2][3]   0.000000 
_atom_sites.fract_transf_matrix[3][1]   0.000000 
_atom_sites.fract_transf_matrix[3][2]   0.000000 
_atom_sites.fract_transf_matrix[3][3]   1.000000 
_atom_sites.fract_transf_vector[1]      0.00000 
_atom_sites.fract_transf_vector[2]      0.00000 
_atom_sites.fract_transf_vector[3]      0.00000 
# 
loop_
_atom_type.symbol 
C 
H 
N 
O 
P 
# 
loop_
_atom_site.group_PDB 
_atom_site.id 
_atom_site.type_symbol 
_atom_site.label_atom_id 
_atom_site.label_alt_id 
_atom_site.label_comp_id 
_atom_site.label_asym_id 
_atom_site.label_entity_id 
_atom_site.label_seq_id 
_atom_site.pdbx_PDB_ins_code 
_atom_site.Cartn_x 
_atom_site.Cartn_y 
_atom_site.Cartn_z 
_atom_site.occupancy 
_atom_site.B_iso_or_equiv 
_atom_site.pdbx_formal_charge 
_atom_site.auth_seq_id 
_atom_site.auth_comp_id 
_atom_site.auth_asym_id 
_atom_site.auth_atom_id 
_atom_site.pdbx_PDB_model_num 
ATOM 1   O "O5'"  . G A 1 1  ? -5.154  -2.526  -8.075  1.00 0.00 ? 1  G A "O5'"  1 
ATOM 2   C "C5'"  . G A 1 1  ? -5.284  -1.653  -9.201  1.00 0.00 ? 1  G A "C5'"  1 
ATOM 3   C "C4'"  . G A 1 1  ? -4.162  -0.623  -9.239  1.00 0.00 ? 1  G A "C4'"  1 
ATOM 4   O "O4'"  . G A 1 1  ? -3.753  -0.294  -7.900  1.00 0.00 ? 1  G A "O4'"  1 
ATOM 5   C "C3'"  . G A 1 1  ? -2.940  -1.146  -10.004 1.00 0.00 ? 1  G A "C3'"  1 
ATOM 6   O "O3'"  . G A 1 1  ? -2.405  -0.102  -10.830 1.00 0.00 ? 1  G A "O3'"  1 
ATOM 7   C "C2'"  . G A 1 1  ? -1.963  -1.474  -8.897  1.00 0.00 ? 1  G A "C2'"  1 
ATOM 8   O "O2'"  . G A 1 1  ? -0.605  -1.336  -9.328  1.00 0.00 ? 1  G A "O2'"  1 
ATOM 9   C "C1'"  . G A 1 1  ? -2.334  -0.430  -7.872  1.00 0.00 ? 1  G A "C1'"  1 
ATOM 10  N N9     . G A 1 1  ? -1.847  -0.783  -6.528  1.00 0.00 ? 1  G A N9     1 
ATOM 11  C C8     . G A 1 1  ? -2.032  -1.910  -5.800  1.00 0.00 ? 1  G A C8     1 
ATOM 12  N N7     . G A 1 1  ? -1.475  -1.963  -4.632  1.00 0.00 ? 1  G A N7     1 
ATOM 13  C C5     . G A 1 1  ? -0.838  -0.716  -4.564  1.00 0.00 ? 1  G A C5     1 
ATOM 14  C C6     . G A 1 1  ? -0.045  -0.142  -3.530  1.00 0.00 ? 1  G A C6     1 
ATOM 15  O O6     . G A 1 1  ? 0.260   -0.631  -2.444  1.00 0.00 ? 1  G A O6     1 
ATOM 16  N N1     . G A 1 1  ? 0.401   1.134   -3.874  1.00 0.00 ? 1  G A N1     1 
ATOM 17  C C2     . G A 1 1  ? 0.121   1.778   -5.064  1.00 0.00 ? 1  G A C2     1 
ATOM 18  N N2     . G A 1 1  ? 0.636   3.002   -5.229  1.00 0.00 ? 1  G A N2     1 
ATOM 19  N N3     . G A 1 1  ? -0.622  1.242   -6.030  1.00 0.00 ? 1  G A N3     1 
ATOM 20  C C4     . G A 1 1  ? -1.065  0.006   -5.722  1.00 0.00 ? 1  G A C4     1 
ATOM 21  H "H5'"  . G A 1 1  ? -6.237  -1.130  -9.136  1.00 0.00 ? 1  G A "H5'"  1 
ATOM 22  H "H5''" . G A 1 1  ? -5.265  -2.247  -10.110 1.00 0.00 ? 1  G A "H5''" 1 
ATOM 23  H "H4'"  . G A 1 1  ? -4.527  0.279   -9.728  1.00 0.00 ? 1  G A "H4'"  1 
ATOM 24  H "H3'"  . G A 1 1  ? -3.183  -2.035  -10.587 1.00 0.00 ? 1  G A "H3'"  1 
ATOM 25  H "H2'"  . G A 1 1  ? -2.155  -2.476  -8.505  1.00 0.00 ? 1  G A "H2'"  1 
ATOM 26  H "HO2'" . G A 1 1  ? -0.050  -1.395  -8.547  1.00 0.00 ? 1  G A "HO2'" 1 
ATOM 27  H "H1'"  . G A 1 1  ? -1.893  0.511   -8.169  1.00 0.00 ? 1  G A "H1'"  1 
ATOM 28  H H8     . G A 1 1  ? -2.628  -2.740  -6.183  1.00 0.00 ? 1  G A H8     1 
ATOM 29  H H1     . G A 1 1  ? 0.972   1.605   -3.186  1.00 0.00 ? 1  G A H1     1 
ATOM 30  H H21    . G A 1 1  ? 1.200   3.421   -4.505  1.00 0.00 ? 1  G A H21    1 
ATOM 31  H H22    . G A 1 1  ? 0.460   3.510   -6.082  1.00 0.00 ? 1  G A H22    1 
ATOM 32  H "HO5'" . G A 1 1  ? -4.225  -2.754  -7.997  1.00 0.00 ? 1  G A "HO5'" 1 
ATOM 33  P P      . G A 1 2  ? -1.346  -0.430  -11.998 1.00 0.00 ? 2  G A P      1 
ATOM 34  O OP1    . G A 1 2  ? -2.059  -0.395  -13.294 1.00 0.00 ? 2  G A OP1    1 
ATOM 35  O OP2    . G A 1 2  ? -0.585  -1.638  -11.606 1.00 0.00 ? 2  G A OP2    1 
ATOM 36  O "O5'"  . G A 1 2  ? -0.346  0.836   -11.937 1.00 0.00 ? 2  G A "O5'"  1 
ATOM 37  C "C5'"  . G A 1 2  ? -0.704  2.015   -11.207 1.00 0.00 ? 2  G A "C5'"  1 
ATOM 38  C "C4'"  . G A 1 2  ? 0.504   2.920   -10.958 1.00 0.00 ? 2  G A "C4'"  1 
ATOM 39  O "O4'"  . G A 1 2  ? 0.814   2.970   -9.556  1.00 0.00 ? 2  G A "O4'"  1 
ATOM 40  C "C3'"  . G A 1 2  ? 1.731   2.391   -11.694 1.00 0.00 ? 2  G A "C3'"  1 
ATOM 41  O "O3'"  . G A 1 2  ? 2.603   3.467   -12.057 1.00 0.00 ? 2  G A "O3'"  1 
ATOM 42  C "C2'"  . G A 1 2  ? 2.402   1.548   -10.637 1.00 0.00 ? 2  G A "C2'"  1 
ATOM 43  O "O2'"  . G A 1 2  ? 3.812   1.444   -10.862 1.00 0.00 ? 2  G A "O2'"  1 
ATOM 44  C "C1'"  . G A 1 2  ? 2.092   2.338   -9.380  1.00 0.00 ? 2  G A "C1'"  1 
ATOM 45  N N9     . G A 1 2  ? 2.086   1.464   -8.198  1.00 0.00 ? 2  G A N9     1 
ATOM 46  C C8     . G A 1 2  ? 1.133   0.611   -7.764  1.00 0.00 ? 2  G A C8     1 
ATOM 47  N N7     . G A 1 2  ? 1.360   -0.034  -6.669  1.00 0.00 ? 2  G A N7     1 
ATOM 48  C C5     . G A 1 2  ? 2.628   0.441   -6.318  1.00 0.00 ? 2  G A C5     1 
ATOM 49  C C6     . G A 1 2  ? 3.447   0.121   -5.202  1.00 0.00 ? 2  G A C6     1 
ATOM 50  O O6     . G A 1 2  ? 3.213   -0.662  -4.285  1.00 0.00 ? 2  G A O6     1 
ATOM 51  N N1     . G A 1 2  ? 4.645   0.825   -5.231  1.00 0.00 ? 2  G A N1     1 
ATOM 52  C C2     . G A 1 2  ? 5.014   1.726   -6.210  1.00 0.00 ? 2  G A C2     1 
ATOM 53  N N2     . G A 1 2  ? 6.207   2.299   -6.068  1.00 0.00 ? 2  G A N2     1 
ATOM 54  N N3     . G A 1 2  ? 4.250   2.032   -7.261  1.00 0.00 ? 2  G A N3     1 
ATOM 55  C C4     . G A 1 2  ? 3.078   1.359   -7.254  1.00 0.00 ? 2  G A C4     1 
ATOM 56  H "H5'"  . G A 1 2  ? -1.130  1.722   -10.247 1.00 0.00 ? 2  G A "H5'"  1 
ATOM 57  H "H5''" . G A 1 2  ? -1.452  2.570   -11.772 1.00 0.00 ? 2  G A "H5''" 1 
ATOM 58  H "H4'"  . G A 1 2  ? 0.273   3.928   -11.310 1.00 0.00 ? 2  G A "H4'"  1 
ATOM 59  H "H3'"  . G A 1 2  ? 1.447   1.789   -12.559 1.00 0.00 ? 2  G A "H3'"  1 
ATOM 60  H "H2'"  . G A 1 2  ? 1.936   0.559   -10.589 1.00 0.00 ? 2  G A "H2'"  1 
ATOM 61  H "HO2'" . G A 1 2  ? 4.240   1.468   -10.001 1.00 0.00 ? 2  G A "HO2'" 1 
ATOM 62  H "H1'"  . G A 1 2  ? 2.852   3.106   -9.246  1.00 0.00 ? 2  G A "H1'"  1 
ATOM 63  H H8     . G A 1 2  ? 0.199   0.486   -8.313  1.00 0.00 ? 2  G A H8     1 
ATOM 64  H H1     . G A 1 2  ? 5.279   0.653   -4.463  1.00 0.00 ? 2  G A H1     1 
ATOM 65  H H21    . G A 1 2  ? 6.787   2.071   -5.273  1.00 0.00 ? 2  G A H21    1 
ATOM 66  H H22    . G A 1 2  ? 6.533   2.963   -6.756  1.00 0.00 ? 2  G A H22    1 
ATOM 67  P P      . A A 1 3  ? 2.244   4.461   -13.267 1.00 0.00 ? 3  A A P      1 
ATOM 68  O OP1    . A A 1 3  ? 0.824   4.255   -13.630 1.00 0.00 ? 3  A A OP1    1 
ATOM 69  O OP2    . A A 1 3  ? 3.297   4.336   -14.299 1.00 0.00 ? 3  A A OP2    1 
ATOM 70  O "O5'"  . A A 1 3  ? 2.383   5.907   -12.572 1.00 0.00 ? 3  A A "O5'"  1 
ATOM 71  C "C5'"  . A A 1 3  ? 2.484   6.021   -11.147 1.00 0.00 ? 3  A A "C5'"  1 
ATOM 72  C "C4'"  . A A 1 3  ? 2.093   7.403   -10.672 1.00 0.00 ? 3  A A "C4'"  1 
ATOM 73  O "O4'"  . A A 1 3  ? 0.673   7.496   -10.604 1.00 0.00 ? 3  A A "O4'"  1 
ATOM 74  C "C3'"  . A A 1 3  ? 2.683   7.683   -9.293  1.00 0.00 ? 3  A A "C3'"  1 
ATOM 75  O "O3'"  . A A 1 3  ? 3.784   8.592   -9.396  1.00 0.00 ? 3  A A "O3'"  1 
ATOM 76  C "C2'"  . A A 1 3  ? 1.537   8.334   -8.557  1.00 0.00 ? 3  A A "C2'"  1 
ATOM 77  O "O2'"  . A A 1 3  ? 1.552   9.756   -8.730  1.00 0.00 ? 3  A A "O2'"  1 
ATOM 78  C "C1'"  . A A 1 3  ? 0.335   7.711   -9.241  1.00 0.00 ? 3  A A "C1'"  1 
ATOM 79  N N9     . A A 1 3  ? -0.094  6.439   -8.610  1.00 0.00 ? 3  A A N9     1 
ATOM 80  C C8     . A A 1 3  ? 0.316   5.813   -7.463  1.00 0.00 ? 3  A A C8     1 
ATOM 81  N N7     . A A 1 3  ? -0.279  4.716   -7.147  1.00 0.00 ? 3  A A N7     1 
ATOM 82  C C5     . A A 1 3  ? -1.192  4.572   -8.190  1.00 0.00 ? 3  A A C5     1 
ATOM 83  C C6     . A A 1 3  ? -2.148  3.599   -8.473  1.00 0.00 ? 3  A A C6     1 
ATOM 84  N N6     . A A 1 3  ? -2.389  2.575   -7.667  1.00 0.00 ? 3  A A N6     1 
ATOM 85  N N1     . A A 1 3  ? -2.881  3.750   -9.587  1.00 0.00 ? 3  A A N1     1 
ATOM 86  C C2     . A A 1 3  ? -2.687  4.801   -10.380 1.00 0.00 ? 3  A A C2     1 
ATOM 87  N N3     . A A 1 3  ? -1.810  5.787   -10.208 1.00 0.00 ? 3  A A N3     1 
ATOM 88  C C4     . A A 1 3  ? -1.086  5.609   -9.084  1.00 0.00 ? 3  A A C4     1 
ATOM 89  H "H5'"  . A A 1 3  ? 3.501   5.827   -10.835 1.00 0.00 ? 3  A A "H5'"  1 
ATOM 90  H "H5''" . A A 1 3  ? 1.827   5.288   -10.683 1.00 0.00 ? 3  A A "H5''" 1 
ATOM 91  H "H4'"  . A A 1 3  ? 2.460   8.146   -11.371 1.00 0.00 ? 3  A A "H4'"  1 
ATOM 92  H "H3'"  . A A 1 3  ? 2.978   6.752   -8.804  1.00 0.00 ? 3  A A "H3'"  1 
ATOM 93  H "H2'"  . A A 1 3  ? 1.559   8.075   -7.502  1.00 0.00 ? 3  A A "H2'"  1 
ATOM 94  H "HO2'" . A A 1 3  ? 2.090   9.943   -9.502  1.00 0.00 ? 3  A A "HO2'" 1 
ATOM 95  H "H1'"  . A A 1 3  ? -0.477  8.406   -9.212  1.00 0.00 ? 3  A A "H1'"  1 
ATOM 96  H H8     . A A 1 3  ? 1.125   6.201   -6.846  1.00 0.00 ? 3  A A H8     1 
ATOM 97  H H61    . A A 1 3  ? -3.059  1.872   -7.930  1.00 0.00 ? 3  A A H61    1 
ATOM 98  H H62    . A A 1 3  ? -1.875  2.483   -6.807  1.00 0.00 ? 3  A A H62    1 
ATOM 99  H H2     . A A 1 3  ? -3.319  4.860   -11.265 1.00 0.00 ? 3  A A H2     1 
ATOM 100 P P      . G A 1 4  ? 5.247   8.169   -8.871  1.00 0.00 ? 4  G A P      1 
ATOM 101 O OP1    . G A 1 4  ? 6.241   9.061   -9.508  1.00 0.00 ? 4  G A OP1    1 
ATOM 102 O OP2    . G A 1 4  ? 5.380   6.702   -9.006  1.00 0.00 ? 4  G A OP2    1 
ATOM 103 O "O5'"  . G A 1 4  ? 5.179   8.529   -7.303  1.00 0.00 ? 4  G A "O5'"  1 
ATOM 104 C "C5'"  . G A 1 4  ? 4.514   7.655   -6.387  1.00 0.00 ? 4  G A "C5'"  1 
ATOM 105 C "C4'"  . G A 1 4  ? 4.311   8.310   -5.024  1.00 0.00 ? 4  G A "C4'"  1 
ATOM 106 O "O4'"  . G A 1 4  ? 3.077   7.866   -4.439  1.00 0.00 ? 4  G A "O4'"  1 
ATOM 107 C "C3'"  . G A 1 4  ? 5.464   7.971   -4.080  1.00 0.00 ? 4  G A "C3'"  1 
ATOM 108 O "O3'"  . G A 1 4  ? 5.881   9.144   -3.372  1.00 0.00 ? 4  G A "O3'"  1 
ATOM 109 C "C2'"  . G A 1 4  ? 4.862   6.969   -3.114  1.00 0.00 ? 4  G A "C2'"  1 
ATOM 110 O "O2'"  . G A 1 4  ? 5.393   7.131   -1.794  1.00 0.00 ? 4  G A "O2'"  1 
ATOM 111 C "C1'"  . G A 1 4  ? 3.378   7.297   -3.158  1.00 0.00 ? 4  G A "C1'"  1 
ATOM 112 N N9     . G A 1 4  ? 2.569   6.085   -2.919  1.00 0.00 ? 4  G A N9     1 
ATOM 113 C C8     . G A 1 4  ? 1.492   5.606   -3.597  1.00 0.00 ? 4  G A C8     1 
ATOM 114 N N7     . G A 1 4  ? 0.963   4.507   -3.174  1.00 0.00 ? 4  G A N7     1 
ATOM 115 C C5     . G A 1 4  ? 1.774   4.200   -2.078  1.00 0.00 ? 4  G A C5     1 
ATOM 116 C C6     . G A 1 4  ? 1.710   3.100   -1.180  1.00 0.00 ? 4  G A C6     1 
ATOM 117 O O6     . G A 1 4  ? 0.914   2.164   -1.176  1.00 0.00 ? 4  G A O6     1 
ATOM 118 N N1     . G A 1 4  ? 2.711   3.168   -0.219  1.00 0.00 ? 4  G A N1     1 
ATOM 119 C C2     . G A 1 4  ? 3.659   4.169   -0.128  1.00 0.00 ? 4  G A C2     1 
ATOM 120 N N2     . G A 1 4  ? 4.537   4.059   0.870   1.00 0.00 ? 4  G A N2     1 
ATOM 121 N N3     . G A 1 4  ? 3.726   5.206   -0.968  1.00 0.00 ? 4  G A N3     1 
ATOM 122 C C4     . G A 1 4  ? 2.759   5.161   -1.915  1.00 0.00 ? 4  G A C4     1 
ATOM 123 H "H5'"  . G A 1 4  ? 5.105   6.747   -6.265  1.00 0.00 ? 4  G A "H5'"  1 
ATOM 124 H "H5''" . G A 1 4  ? 3.540   7.389   -6.796  1.00 0.00 ? 4  G A "H5''" 1 
ATOM 125 H "H4'"  . G A 1 4  ? 4.271   9.392   -5.155  1.00 0.00 ? 4  G A "H4'"  1 
ATOM 126 H "H3'"  . G A 1 4  ? 6.297   7.527   -4.628  1.00 0.00 ? 4  G A "H3'"  1 
ATOM 127 H "H2'"  . G A 1 4  ? 5.030   5.952   -3.478  1.00 0.00 ? 4  G A "H2'"  1 
ATOM 128 H "HO2'" . G A 1 4  ? 4.969   7.900   -1.409  1.00 0.00 ? 4  G A "HO2'" 1 
ATOM 129 H "H1'"  . G A 1 4  ? 3.153   8.028   -2.384  1.00 0.00 ? 4  G A "H1'"  1 
ATOM 130 H H8     . G A 1 4  ? 1.090   6.125   -4.470  1.00 0.00 ? 4  G A H8     1 
ATOM 131 H H1     . G A 1 4  ? 2.729   2.417   0.456   1.00 0.00 ? 4  G A H1     1 
ATOM 132 H H21    . G A 1 4  ? 4.486   3.275   1.504   1.00 0.00 ? 4  G A H21    1 
ATOM 133 H H22    . G A 1 4  ? 5.252   4.761   0.992   1.00 0.00 ? 4  G A H22    1 
ATOM 134 P P      . G A 1 5  ? 7.345   9.774   -3.615  1.00 0.00 ? 5  G A P      1 
ATOM 135 O OP1    . G A 1 5  ? 7.721   10.549  -2.412  1.00 0.00 ? 5  G A OP1    1 
ATOM 136 O OP2    . G A 1 5  ? 7.355   10.425  -4.944  1.00 0.00 ? 5  G A OP2    1 
ATOM 137 O "O5'"  . G A 1 5  ? 8.284   8.468   -3.686  1.00 0.00 ? 5  G A "O5'"  1 
ATOM 138 C "C5'"  . G A 1 5  ? 9.659   8.536   -3.295  1.00 0.00 ? 5  G A "C5'"  1 
ATOM 139 C "C4'"  . G A 1 5  ? 10.327  7.166   -3.355  1.00 0.00 ? 5  G A "C4'"  1 
ATOM 140 O "O4'"  . G A 1 5  ? 9.583   6.214   -2.592  1.00 0.00 ? 5  G A "O4'"  1 
ATOM 141 C "C3'"  . G A 1 5  ? 10.401  6.675   -4.789  1.00 0.00 ? 5  G A "C3'"  1 
ATOM 142 O "O3'"  . G A 1 5  ? 11.676  7.000   -5.356  1.00 0.00 ? 5  G A "O3'"  1 
ATOM 143 C "C2'"  . G A 1 5  ? 10.247  5.167   -4.672  1.00 0.00 ? 5  G A "C2'"  1 
ATOM 144 O "O2'"  . G A 1 5  ? 11.510  4.504   -4.780  1.00 0.00 ? 5  G A "O2'"  1 
ATOM 145 C "C1'"  . G A 1 5  ? 9.628   4.960   -3.290  1.00 0.00 ? 5  G A "C1'"  1 
ATOM 146 N N9     . G A 1 5  ? 8.273   4.393   -3.419  1.00 0.00 ? 5  G A N9     1 
ATOM 147 C C8     . G A 1 5  ? 7.307   4.668   -4.327  1.00 0.00 ? 5  G A C8     1 
ATOM 148 N N7     . G A 1 5  ? 6.194   4.021   -4.233  1.00 0.00 ? 5  G A N7     1 
ATOM 149 C C5     . G A 1 5  ? 6.432   3.206   -3.123  1.00 0.00 ? 5  G A C5     1 
ATOM 150 C C6     . G A 1 5  ? 5.585   2.248   -2.502  1.00 0.00 ? 5  G A C6     1 
ATOM 151 O O6     . G A 1 5  ? 4.442   1.923   -2.816  1.00 0.00 ? 5  G A O6     1 
ATOM 152 N N1     . G A 1 5  ? 6.207   1.649   -1.414  1.00 0.00 ? 5  G A N1     1 
ATOM 153 C C2     . G A 1 5  ? 7.486   1.931   -0.974  1.00 0.00 ? 5  G A C2     1 
ATOM 154 N N2     . G A 1 5  ? 7.905   1.253   0.093   1.00 0.00 ? 5  G A N2     1 
ATOM 155 N N3     . G A 1 5  ? 8.289   2.830   -1.555  1.00 0.00 ? 5  G A N3     1 
ATOM 156 C C4     . G A 1 5  ? 7.704   3.427   -2.617  1.00 0.00 ? 5  G A C4     1 
ATOM 157 H "H5'"  . G A 1 5  ? 9.721   8.918   -2.276  1.00 0.00 ? 5  G A "H5'"  1 
ATOM 158 H "H5''" . G A 1 5  ? 10.186  9.218   -3.963  1.00 0.00 ? 5  G A "H5''" 1 
ATOM 159 H "H4'"  . G A 1 5  ? 11.336  7.240   -2.949  1.00 0.00 ? 5  G A "H4'"  1 
ATOM 160 H "H3'"  . G A 1 5  ? 9.589   7.099   -5.382  1.00 0.00 ? 5  G A "H3'"  1 
ATOM 161 H "H2'"  . G A 1 5  ? 9.559   4.807   -5.441  1.00 0.00 ? 5  G A "H2'"  1 
ATOM 162 H "HO2'" . G A 1 5  ? 11.940  4.835   -5.571  1.00 0.00 ? 5  G A "HO2'" 1 
ATOM 163 H "H1'"  . G A 1 5  ? 10.246  4.262   -2.728  1.00 0.00 ? 5  G A "H1'"  1 
ATOM 164 H H8     . G A 1 5  ? 7.464   5.410   -5.111  1.00 0.00 ? 5  G A H8     1 
ATOM 165 H H1     . G A 1 5  ? 5.666   0.955   -0.921  1.00 0.00 ? 5  G A H1     1 
ATOM 166 H H21    . G A 1 5  ? 7.298   0.574   0.531   1.00 0.00 ? 5  G A H21    1 
ATOM 167 H H22    . G A 1 5  ? 8.829   1.419   0.466   1.00 0.00 ? 5  G A H22    1 
ATOM 168 P P      . U A 1 6  ? 13.041  6.466   -4.687  1.00 0.00 ? 6  U A P      1 
ATOM 169 O OP1    . U A 1 6  ? 13.882  7.639   -4.355  1.00 0.00 ? 6  U A OP1    1 
ATOM 170 O OP2    . U A 1 6  ? 13.585  5.389   -5.544  1.00 0.00 ? 6  U A OP2    1 
ATOM 171 O "O5'"  . U A 1 6  ? 12.533  5.805   -3.307  1.00 0.00 ? 6  U A "O5'"  1 
ATOM 172 C "C5'"  . U A 1 6  ? 13.446  5.086   -2.472  1.00 0.00 ? 6  U A "C5'"  1 
ATOM 173 C "C4'"  . U A 1 6  ? 12.724  4.359   -1.341  1.00 0.00 ? 6  U A "C4'"  1 
ATOM 174 O "O4'"  . U A 1 6  ? 11.477  3.823   -1.805  1.00 0.00 ? 6  U A "O4'"  1 
ATOM 175 C "C3'"  . U A 1 6  ? 13.588  3.222   -0.797  1.00 0.00 ? 6  U A "C3'"  1 
ATOM 176 O "O3'"  . U A 1 6  ? 13.733  3.352   0.621   1.00 0.00 ? 6  U A "O3'"  1 
ATOM 177 C "C2'"  . U A 1 6  ? 12.808  1.960   -1.126  1.00 0.00 ? 6  U A "C2'"  1 
ATOM 178 O "O2'"  . U A 1 6  ? 12.861  1.019   -0.047  1.00 0.00 ? 6  U A "O2'"  1 
ATOM 179 C "C1'"  . U A 1 6  ? 11.395  2.472   -1.345  1.00 0.00 ? 6  U A "C1'"  1 
ATOM 180 N N1     . U A 1 6  ? 10.681  1.631   -2.323  1.00 0.00 ? 6  U A N1     1 
ATOM 181 C C2     . U A 1 6  ? 9.971   0.550   -1.835  1.00 0.00 ? 6  U A C2     1 
ATOM 182 O O2     . U A 1 6  ? 9.929   0.285   -0.635  1.00 0.00 ? 6  U A O2     1 
ATOM 183 N N3     . U A 1 6  ? 9.312   -0.218  -2.777  1.00 0.00 ? 6  U A N3     1 
ATOM 184 C C4     . U A 1 6  ? 9.301   -0.001  -4.144  1.00 0.00 ? 6  U A C4     1 
ATOM 185 O O4     . U A 1 6  ? 8.678   -0.750  -4.893  1.00 0.00 ? 6  U A O4     1 
ATOM 186 C C5     . U A 1 6  ? 10.068  1.150   -4.564  1.00 0.00 ? 6  U A C5     1 
ATOM 187 C C6     . U A 1 6  ? 10.721  1.918   -3.660  1.00 0.00 ? 6  U A C6     1 
ATOM 188 H "H5'"  . U A 1 6  ? 14.162  5.787   -2.042  1.00 0.00 ? 6  U A "H5'"  1 
ATOM 189 H "H5''" . U A 1 6  ? 13.982  4.357   -3.077  1.00 0.00 ? 6  U A "H5''" 1 
ATOM 190 H "H4'"  . U A 1 6  ? 12.527  5.068   -0.536  1.00 0.00 ? 6  U A "H4'"  1 
ATOM 191 H "H3'"  . U A 1 6  ? 14.563  3.210   -1.290  1.00 0.00 ? 6  U A "H3'"  1 
ATOM 192 H "H2'"  . U A 1 6  ? 13.190  1.514   -2.048  1.00 0.00 ? 6  U A "H2'"  1 
ATOM 193 H "HO2'" . U A 1 6  ? 13.259  1.466   0.704   1.00 0.00 ? 6  U A "HO2'" 1 
ATOM 194 H "H1'"  . U A 1 6  ? 10.855  2.450   -0.399  1.00 0.00 ? 6  U A "H1'"  1 
ATOM 195 H H3     . U A 1 6  ? 8.788   -1.012  -2.435  1.00 0.00 ? 6  U A H3     1 
ATOM 196 H H5     . U A 1 6  ? 10.121  1.404   -5.623  1.00 0.00 ? 6  U A H5     1 
ATOM 197 H H6     . U A 1 6  ? 11.291  2.781   -4.004  1.00 0.00 ? 6  U A H6     1 
ATOM 198 P P      . U A 1 7  ? 15.051  2.798   1.362   1.00 0.00 ? 7  U A P      1 
ATOM 199 O OP1    . U A 1 7  ? 15.538  1.616   0.620   1.00 0.00 ? 7  U A OP1    1 
ATOM 200 O OP2    . U A 1 7  ? 14.758  2.690   2.810   1.00 0.00 ? 7  U A OP2    1 
ATOM 201 O "O5'"  . U A 1 7  ? 16.104  3.997   1.150   1.00 0.00 ? 7  U A "O5'"  1 
ATOM 202 C "C5'"  . U A 1 7  ? 15.678  5.360   1.210   1.00 0.00 ? 7  U A "C5'"  1 
ATOM 203 C "C4'"  . U A 1 7  ? 16.865  6.317   1.221   1.00 0.00 ? 7  U A "C4'"  1 
ATOM 204 O "O4'"  . U A 1 7  ? 17.394  6.473   -0.097  1.00 0.00 ? 7  U A "O4'"  1 
ATOM 205 C "C3'"  . U A 1 7  ? 16.447  7.688   1.748   1.00 0.00 ? 7  U A "C3'"  1 
ATOM 206 O "O3'"  . U A 1 7  ? 17.052  7.928   3.022   1.00 0.00 ? 7  U A "O3'"  1 
ATOM 207 C "C2'"  . U A 1 7  ? 16.983  8.679   0.722   1.00 0.00 ? 7  U A "C2'"  1 
ATOM 208 O "O2'"  . U A 1 7  ? 17.756  9.708   1.350   1.00 0.00 ? 7  U A "O2'"  1 
ATOM 209 C "C1'"  . U A 1 7  ? 17.843  7.823   -0.198  1.00 0.00 ? 7  U A "C1'"  1 
ATOM 210 N N1     . U A 1 7  ? 17.757  8.299   -1.592  1.00 0.00 ? 7  U A N1     1 
ATOM 211 C C2     . U A 1 7  ? 18.874  8.912   -2.126  1.00 0.00 ? 7  U A C2     1 
ATOM 212 O O2     . U A 1 7  ? 19.905  9.071   -1.477  1.00 0.00 ? 7  U A O2     1 
ATOM 213 N N3     . U A 1 7  ? 18.764  9.339   -3.437  1.00 0.00 ? 7  U A N3     1 
ATOM 214 C C4     . U A 1 7  ? 17.650  9.207   -4.248  1.00 0.00 ? 7  U A C4     1 
ATOM 215 O O4     . U A 1 7  ? 17.663  9.623   -5.404  1.00 0.00 ? 7  U A O4     1 
ATOM 216 C C5     . U A 1 7  ? 16.529  8.555   -3.607  1.00 0.00 ? 7  U A C5     1 
ATOM 217 C C6     . U A 1 7  ? 16.614  8.129   -2.324  1.00 0.00 ? 7  U A C6     1 
ATOM 218 H "H5'"  . U A 1 7  ? 15.091  5.511   2.117   1.00 0.00 ? 7  U A "H5'"  1 
ATOM 219 H "H5''" . U A 1 7  ? 15.054  5.578   0.342   1.00 0.00 ? 7  U A "H5''" 1 
ATOM 220 H "H4'"  . U A 1 7  ? 17.642  5.910   1.869   1.00 0.00 ? 7  U A "H4'"  1 
ATOM 221 H "H3'"  . U A 1 7  ? 15.358  7.757   1.814   1.00 0.00 ? 7  U A "H3'"  1 
ATOM 222 H "H2'"  . U A 1 7  ? 16.153  9.112   0.158   1.00 0.00 ? 7  U A "H2'"  1 
ATOM 223 H "HO2'" . U A 1 7  ? 18.127  9.334   2.153   1.00 0.00 ? 7  U A "HO2'" 1 
ATOM 224 H "H1'"  . U A 1 7  ? 18.880  7.879   0.132   1.00 0.00 ? 7  U A "H1'"  1 
ATOM 225 H H3     . U A 1 7  ? 19.573  9.789   -3.840  1.00 0.00 ? 7  U A H3     1 
ATOM 226 H H5     . U A 1 7  ? 15.605  8.404   -4.165  1.00 0.00 ? 7  U A H5     1 
ATOM 227 H H6     . U A 1 7  ? 15.752  7.642   -1.866  1.00 0.00 ? 7  U A H6     1 
ATOM 228 P P      . U A 1 8  ? 16.213  8.624   4.206   1.00 0.00 ? 8  U A P      1 
ATOM 229 O OP1    . U A 1 8  ? 16.461  10.082  4.157   1.00 0.00 ? 8  U A OP1    1 
ATOM 230 O OP2    . U A 1 8  ? 16.467  7.876   5.457   1.00 0.00 ? 8  U A OP2    1 
ATOM 231 O "O5'"  . U A 1 8  ? 14.690  8.358   3.759   1.00 0.00 ? 8  U A "O5'"  1 
ATOM 232 C "C5'"  . U A 1 8  ? 13.941  9.376   3.090   1.00 0.00 ? 8  U A "C5'"  1 
ATOM 233 C "C4'"  . U A 1 8  ? 12.653  8.822   2.488   1.00 0.00 ? 8  U A "C4'"  1 
ATOM 234 O "O4'"  . U A 1 8  ? 12.781  7.414   2.247   1.00 0.00 ? 8  U A "O4'"  1 
ATOM 235 C "C3'"  . U A 1 8  ? 11.475  9.063   3.425   1.00 0.00 ? 8  U A "C3'"  1 
ATOM 236 O "O3'"  . U A 1 8  ? 10.684  10.162  2.960   1.00 0.00 ? 8  U A "O3'"  1 
ATOM 237 C "C2'"  . U A 1 8  ? 10.673  7.781   3.341   1.00 0.00 ? 8  U A "C2'"  1 
ATOM 238 O "O2'"  . U A 1 8  ? 9.617   7.886   2.378   1.00 0.00 ? 8  U A "O2'"  1 
ATOM 239 C "C1'"  . U A 1 8  ? 11.704  6.747   2.921   1.00 0.00 ? 8  U A "C1'"  1 
ATOM 240 N N1     . U A 1 8  ? 12.204  6.014   4.096   1.00 0.00 ? 8  U A N1     1 
ATOM 241 C C2     . U A 1 8  ? 11.429  4.981   4.582   1.00 0.00 ? 8  U A C2     1 
ATOM 242 O O2     . U A 1 8  ? 10.365  4.656   4.058   1.00 0.00 ? 8  U A O2     1 
ATOM 243 N N3     . U A 1 8  ? 11.921  4.327   5.698   1.00 0.00 ? 8  U A N3     1 
ATOM 244 C C4     . U A 1 8  ? 13.104  4.618   6.356   1.00 0.00 ? 8  U A C4     1 
ATOM 245 O O4     . U A 1 8  ? 13.445  3.973   7.345   1.00 0.00 ? 8  U A O4     1 
ATOM 246 C C5     . U A 1 8  ? 13.848  5.712   5.774   1.00 0.00 ? 8  U A C5     1 
ATOM 247 C C6     . U A 1 8  ? 13.383  6.363   4.681   1.00 0.00 ? 8  U A C6     1 
ATOM 248 H "H5'"  . U A 1 8  ? 14.552  9.800   2.293   1.00 0.00 ? 8  U A "H5'"  1 
ATOM 249 H "H5''" . U A 1 8  ? 13.695  10.161  3.804   1.00 0.00 ? 8  U A "H5''" 1 
ATOM 250 H "H4'"  . U A 1 8  ? 12.460  9.327   1.541   1.00 0.00 ? 8  U A "H4'"  1 
ATOM 251 H "H3'"  . U A 1 8  ? 11.821  9.232   4.445   1.00 0.00 ? 8  U A "H3'"  1 
ATOM 252 H "H2'"  . U A 1 8  ? 10.273  7.530   4.326   1.00 0.00 ? 8  U A "H2'"  1 
ATOM 253 H "HO2'" . U A 1 8  ? 9.998   8.253   1.577   1.00 0.00 ? 8  U A "HO2'" 1 
ATOM 254 H "H1'"  . U A 1 8  ? 11.244  6.039   2.238   1.00 0.00 ? 8  U A "H1'"  1 
ATOM 255 H H3     . U A 1 8  ? 11.366  3.567   6.066   1.00 0.00 ? 8  U A H3     1 
ATOM 256 H H5     . U A 1 8  ? 14.792  6.021   6.221   1.00 0.00 ? 8  U A H5     1 
ATOM 257 H H6     . U A 1 8  ? 13.964  7.180   4.257   1.00 0.00 ? 8  U A H6     1 
ATOM 258 P P      . U A 1 9  ? 9.159   10.326  3.449   1.00 0.00 ? 9  U A P      1 
ATOM 259 O OP1    . U A 1 9  ? 8.269   9.896   2.347   1.00 0.00 ? 9  U A OP1    1 
ATOM 260 O OP2    . U A 1 9  ? 9.004   11.675  4.038   1.00 0.00 ? 9  U A OP2    1 
ATOM 261 O "O5'"  . U A 1 9  ? 9.055   9.242   4.635   1.00 0.00 ? 9  U A "O5'"  1 
ATOM 262 C "C5'"  . U A 1 9  ? 7.879   8.443   4.797   1.00 0.00 ? 9  U A "C5'"  1 
ATOM 263 C "C4'"  . U A 1 9  ? 8.167   7.191   5.623   1.00 0.00 ? 9  U A "C4'"  1 
ATOM 264 O "O4'"  . U A 1 9  ? 9.185   7.463   6.598   1.00 0.00 ? 9  U A "O4'"  1 
ATOM 265 C "C3'"  . U A 1 9  ? 6.906   6.705   6.333   1.00 0.00 ? 9  U A "C3'"  1 
ATOM 266 O "O3'"  . U A 1 9  ? 6.713   5.311   6.080   1.00 0.00 ? 9  U A "O3'"  1 
ATOM 267 C "C2'"  . U A 1 9  ? 7.193   6.927   7.808   1.00 0.00 ? 9  U A "C2'"  1 
ATOM 268 O "O2'"  . U A 1 9  ? 6.688   5.851   8.606   1.00 0.00 ? 9  U A "O2'"  1 
ATOM 269 C "C1'"  . U A 1 9  ? 8.710   6.988   7.861   1.00 0.00 ? 9  U A "C1'"  1 
ATOM 270 N N1     . U A 1 9  ? 9.156   7.872   8.953   1.00 0.00 ? 9  U A N1     1 
ATOM 271 C C2     . U A 1 9  ? 9.364   7.297   10.190  1.00 0.00 ? 9  U A C2     1 
ATOM 272 O O2     . U A 1 9  ? 9.189   6.097   10.391  1.00 0.00 ? 9  U A O2     1 
ATOM 273 N N3     . U A 1 9  ? 9.780   8.152   11.196  1.00 0.00 ? 9  U A N3     1 
ATOM 274 C C4     . U A 1 9  ? 10.004  9.513   11.069  1.00 0.00 ? 9  U A C4     1 
ATOM 275 O O4     . U A 1 9  ? 10.373  10.180  12.033  1.00 0.00 ? 9  U A O4     1 
ATOM 276 C C5     . U A 1 9  ? 9.763   10.027  9.740   1.00 0.00 ? 9  U A C5     1 
ATOM 277 C C6     . U A 1 9  ? 9.353   9.208   8.740   1.00 0.00 ? 9  U A C6     1 
ATOM 278 H "H5'"  . U A 1 9  ? 7.513   8.145   3.814   1.00 0.00 ? 9  U A "H5'"  1 
ATOM 279 H "H5''" . U A 1 9  ? 7.115   9.036   5.299   1.00 0.00 ? 9  U A "H5''" 1 
ATOM 280 H "H4'"  . U A 1 9  ? 8.520   6.403   4.957   1.00 0.00 ? 9  U A "H4'"  1 
ATOM 281 H "H3'"  . U A 1 9  ? 6.036   7.285   6.020   1.00 0.00 ? 9  U A "H3'"  1 
ATOM 282 H "H2'"  . U A 1 9  ? 6.770   7.881   8.131   1.00 0.00 ? 9  U A "H2'"  1 
ATOM 283 H "HO2'" . U A 1 9  ? 7.303   5.118   8.520   1.00 0.00 ? 9  U A "HO2'" 1 
ATOM 284 H "H1'"  . U A 1 9  ? 9.101   5.987   8.036   1.00 0.00 ? 9  U A "H1'"  1 
ATOM 285 H H3     . U A 1 9  ? 9.935   7.744   12.107  1.00 0.00 ? 9  U A H3     1 
ATOM 286 H H5     . U A 1 9  ? 9.915   11.086  9.537   1.00 0.00 ? 9  U A H5     1 
ATOM 287 H H6     . U A 1 9  ? 9.176   9.625   7.749   1.00 0.00 ? 9  U A H6     1 
ATOM 288 P P      . G A 1 10 ? 5.241   4.731   5.788   1.00 0.00 ? 10 G A P      1 
ATOM 289 O OP1    . G A 1 10 ? 4.865   5.103   4.405   1.00 0.00 ? 10 G A OP1    1 
ATOM 290 O OP2    . G A 1 10 ? 4.363   5.106   6.917   1.00 0.00 ? 10 G A OP2    1 
ATOM 291 O "O5'"  . G A 1 10 ? 5.473   3.138   5.835   1.00 0.00 ? 10 G A "O5'"  1 
ATOM 292 C "C5'"  . G A 1 10 ? 6.008   2.510   7.006   1.00 0.00 ? 10 G A "C5'"  1 
ATOM 293 C "C4'"  . G A 1 10 ? 6.347   1.045   6.745   1.00 0.00 ? 10 G A "C4'"  1 
ATOM 294 O "O4'"  . G A 1 10 ? 5.346   0.444   5.906   1.00 0.00 ? 10 G A "O4'"  1 
ATOM 295 C "C3'"  . G A 1 10 ? 7.692   0.908   6.041   1.00 0.00 ? 10 G A "C3'"  1 
ATOM 296 O "O3'"  . G A 1 10 ? 8.308   -0.325  6.422   1.00 0.00 ? 10 G A "O3'"  1 
ATOM 297 C "C2'"  . G A 1 10 ? 7.300   0.856   4.585   1.00 0.00 ? 10 G A "C2'"  1 
ATOM 298 O "O2'"  . G A 1 10 ? 8.264   0.140   3.803   1.00 0.00 ? 10 G A "O2'"  1 
ATOM 299 C "C1'"  . G A 1 10 ? 5.974   0.122   4.651   1.00 0.00 ? 10 G A "C1'"  1 
ATOM 300 N N9     . G A 1 10 ? 5.111   0.492   3.514   1.00 0.00 ? 10 G A N9     1 
ATOM 301 C C8     . G A 1 10 ? 4.729   1.718   3.080   1.00 0.00 ? 10 G A C8     1 
ATOM 302 N N7     . G A 1 10 ? 3.964   1.773   2.041   1.00 0.00 ? 10 G A N7     1 
ATOM 303 C C5     . G A 1 10 ? 3.809   0.419   1.730   1.00 0.00 ? 10 G A C5     1 
ATOM 304 C C6     . G A 1 10 ? 3.073   -0.198  0.681   1.00 0.00 ? 10 G A C6     1 
ATOM 305 O O6     . G A 1 10 ? 2.403   0.341   -0.197  1.00 0.00 ? 10 G A O6     1 
ATOM 306 N N1     . G A 1 10 ? 3.181   -1.583  0.728   1.00 0.00 ? 10 G A N1     1 
ATOM 307 C C2     . G A 1 10 ? 3.904   -2.293  1.665   1.00 0.00 ? 10 G A C2     1 
ATOM 308 N N2     . G A 1 10 ? 3.878   -3.621  1.552   1.00 0.00 ? 10 G A N2     1 
ATOM 309 N N3     . G A 1 10 ? 4.598   -1.720  2.652   1.00 0.00 ? 10 G A N3     1 
ATOM 310 C C4     . G A 1 10 ? 4.508   -0.372  2.627   1.00 0.00 ? 10 G A C4     1 
ATOM 311 H "H5'"  . G A 1 10 ? 5.276   2.568   7.811   1.00 0.00 ? 10 G A "H5'"  1 
ATOM 312 H "H5''" . G A 1 10 ? 6.908   3.039   7.309   1.00 0.00 ? 10 G A "H5''" 1 
ATOM 313 H "H4'"  . G A 1 10 ? 6.384   0.510   7.694   1.00 0.00 ? 10 G A "H4'"  1 
ATOM 314 H "H3'"  . G A 1 10 ? 8.337   1.764   6.247   1.00 0.00 ? 10 G A "H3'"  1 
ATOM 315 H "H2'"  . G A 1 10 ? 7.151   1.868   4.198   1.00 0.00 ? 10 G A "H2'"  1 
ATOM 316 H "HO2'" . G A 1 10 ? 9.130   0.327   4.175   1.00 0.00 ? 10 G A "HO2'" 1 
ATOM 317 H "H1'"  . G A 1 10 ? 6.165   -0.950  4.616   1.00 0.00 ? 10 G A "H1'"  1 
ATOM 318 H H8     . G A 1 10 ? 5.054   2.624   3.591   1.00 0.00 ? 10 G A H8     1 
ATOM 319 H H1     . G A 1 10 ? 2.684   -2.090  0.010   1.00 0.00 ? 10 G A H1     1 
ATOM 320 H H21    . G A 1 10 ? 3.353   -4.056  0.805   1.00 0.00 ? 10 G A H21    1 
ATOM 321 H H22    . G A 1 10 ? 4.378   -4.195  2.216   1.00 0.00 ? 10 G A H22    1 
ATOM 322 P P      . G A 1 11 ? 9.856   -0.620  6.097   1.00 0.00 ? 11 G A P      1 
ATOM 323 O OP1    . G A 1 11 ? 10.620  -0.545  7.363   1.00 0.00 ? 11 G A OP1    1 
ATOM 324 O OP2    . G A 1 11 ? 10.258  0.212   4.941   1.00 0.00 ? 11 G A OP2    1 
ATOM 325 O "O5'"  . G A 1 11 ? 9.809   -2.159  5.622   1.00 0.00 ? 11 G A "O5'"  1 
ATOM 326 C "C5'"  . G A 1 11 ? 8.746   -3.012  6.064   1.00 0.00 ? 11 G A "C5'"  1 
ATOM 327 C "C4'"  . G A 1 11 ? 8.337   -4.022  4.994   1.00 0.00 ? 11 G A "C4'"  1 
ATOM 328 O "O4'"  . G A 1 11 ? 7.307   -3.479  4.152   1.00 0.00 ? 11 G A "O4'"  1 
ATOM 329 C "C3'"  . G A 1 11 ? 9.533   -4.409  4.122   1.00 0.00 ? 11 G A "C3'"  1 
ATOM 330 O "O3'"  . G A 1 11 ? 9.638   -5.835  4.041   1.00 0.00 ? 11 G A "O3'"  1 
ATOM 331 C "C2'"  . G A 1 11 ? 9.189   -3.841  2.757   1.00 0.00 ? 11 G A "C2'"  1 
ATOM 332 O "O2'"  . G A 1 11 ? 9.654   -4.688  1.701   1.00 0.00 ? 11 G A "O2'"  1 
ATOM 333 C "C1'"  . G A 1 11 ? 7.676   -3.788  2.806   1.00 0.00 ? 11 G A "C1'"  1 
ATOM 334 N N9     . G A 1 11 ? 7.145   -2.785  1.863   1.00 0.00 ? 11 G A N9     1 
ATOM 335 C C8     . G A 1 11 ? 7.073   -1.437  1.981   1.00 0.00 ? 11 G A C8     1 
ATOM 336 N N7     . G A 1 11 ? 6.545   -0.778  1.003   1.00 0.00 ? 11 G A N7     1 
ATOM 337 C C5     . G A 1 11 ? 6.218   -1.805  0.111   1.00 0.00 ? 11 G A C5     1 
ATOM 338 C C6     . G A 1 11 ? 5.601   -1.739  -1.168  1.00 0.00 ? 11 G A C6     1 
ATOM 339 O O6     . G A 1 11 ? 5.215   -0.744  -1.779  1.00 0.00 ? 11 G A O6     1 
ATOM 340 N N1     . G A 1 11 ? 5.454   -3.001  -1.729  1.00 0.00 ? 11 G A N1     1 
ATOM 341 C C2     . G A 1 11 ? 5.849   -4.185  -1.139  1.00 0.00 ? 11 G A C2     1 
ATOM 342 N N2     . G A 1 11 ? 5.626   -5.295  -1.840  1.00 0.00 ? 11 G A N2     1 
ATOM 343 N N3     . G A 1 11 ? 6.429   -4.257  0.064   1.00 0.00 ? 11 G A N3     1 
ATOM 344 C C4     . G A 1 11 ? 6.583   -3.038  0.632   1.00 0.00 ? 11 G A C4     1 
ATOM 345 H "H5'"  . G A 1 11 ? 7.884   -2.397  6.319   1.00 0.00 ? 11 G A "H5'"  1 
ATOM 346 H "H5''" . G A 1 11 ? 9.071   -3.550  6.954   1.00 0.00 ? 11 G A "H5''" 1 
ATOM 347 H "H4'"  . G A 1 11 ? 7.954   -4.918  5.485   1.00 0.00 ? 11 G A "H4'"  1 
ATOM 348 H "H3'"  . G A 1 11 ? 10.453  -3.965  4.507   1.00 0.00 ? 11 G A "H3'"  1 
ATOM 349 H "H2'"  . G A 1 11 ? 9.596   -2.831  2.658   1.00 0.00 ? 11 G A "H2'"  1 
ATOM 350 H "HO2'" . G A 1 11 ? 10.613  -4.711  1.754   1.00 0.00 ? 11 G A "HO2'" 1 
ATOM 351 H "H1'"  . G A 1 11 ? 7.277   -4.768  2.544   1.00 0.00 ? 11 G A "H1'"  1 
ATOM 352 H H8     . G A 1 11 ? 7.444   -0.927  2.869   1.00 0.00 ? 11 G A H8     1 
ATOM 353 H H1     . G A 1 11 ? 5.021   -3.032  -2.641  1.00 0.00 ? 11 G A H1     1 
ATOM 354 H H21    . G A 1 11 ? 5.187   -5.240  -2.748  1.00 0.00 ? 11 G A H21    1 
ATOM 355 H H22    . G A 1 11 ? 5.897   -6.193  -1.466  1.00 0.00 ? 11 G A H22    1 
ATOM 356 P P      . A A 1 12 ? 10.238  -6.683  5.270   1.00 0.00 ? 12 A A P      1 
ATOM 357 O OP1    . A A 1 12 ? 10.376  -5.778  6.433   1.00 0.00 ? 12 A A OP1    1 
ATOM 358 O OP2    . A A 1 12 ? 11.415  -7.436  4.780   1.00 0.00 ? 12 A A OP2    1 
ATOM 359 O "O5'"  . A A 1 12 ? 9.063   -7.737  5.589   1.00 0.00 ? 12 A A "O5'"  1 
ATOM 360 C "C5'"  . A A 1 12 ? 7.903   -7.826  4.753   1.00 0.00 ? 12 A A "C5'"  1 
ATOM 361 C "C4'"  . A A 1 12 ? 6.744   -8.495  5.485   1.00 0.00 ? 12 A A "C4'"  1 
ATOM 362 O "O4'"  . A A 1 12 ? 6.272   -7.654  6.550   1.00 0.00 ? 12 A A "O4'"  1 
ATOM 363 C "C3'"  . A A 1 12 ? 5.582   -8.778  4.536   1.00 0.00 ? 12 A A "C3'"  1 
ATOM 364 O "O3'"  . A A 1 12 ? 5.618   -10.141 4.100   1.00 0.00 ? 12 A A "O3'"  1 
ATOM 365 C "C2'"  . A A 1 12 ? 4.369   -8.539  5.410   1.00 0.00 ? 12 A A "C2'"  1 
ATOM 366 O "O2'"  . A A 1 12 ? 4.005   -9.725  6.127   1.00 0.00 ? 12 A A "O2'"  1 
ATOM 367 C "C1'"  . A A 1 12 ? 4.865   -7.454  6.353   1.00 0.00 ? 12 A A "C1'"  1 
ATOM 368 N N9     . A A 1 12 ? 4.609   -6.100  5.816   1.00 0.00 ? 12 A A N9     1 
ATOM 369 C C8     . A A 1 12 ? 4.188   -5.702  4.585   1.00 0.00 ? 12 A A C8     1 
ATOM 370 N N7     . A A 1 12 ? 4.034   -4.436  4.390   1.00 0.00 ? 12 A A N7     1 
ATOM 371 C C5     . A A 1 12 ? 4.396   -3.912  5.633   1.00 0.00 ? 12 A A C5     1 
ATOM 372 C C6     . A A 1 12 ? 4.463   -2.605  6.124   1.00 0.00 ? 12 A A C6     1 
ATOM 373 N N6     . A A 1 12 ? 4.131   -1.538  5.399   1.00 0.00 ? 12 A A N6     1 
ATOM 374 N N1     . A A 1 12 ? 4.864   -2.440  7.397   1.00 0.00 ? 12 A A N1     1 
ATOM 375 C C2     . A A 1 12 ? 5.181   -3.497  8.145   1.00 0.00 ? 12 A A C2     1 
ATOM 376 N N3     . A A 1 12 ? 5.152   -4.777  7.783   1.00 0.00 ? 12 A A N3     1 
ATOM 377 C C4     . A A 1 12 ? 4.748   -4.915  6.504   1.00 0.00 ? 12 A A C4     1 
ATOM 378 H "H5'"  . A A 1 12 ? 8.150   -8.409  3.865   1.00 0.00 ? 12 A A "H5'"  1 
ATOM 379 H "H5''" . A A 1 12 ? 7.604   -6.823  4.449   1.00 0.00 ? 12 A A "H5''" 1 
ATOM 380 H "H4'"  . A A 1 12 ? 7.088   -9.436  5.908   1.00 0.00 ? 12 A A "H4'"  1 
ATOM 381 H "H3'"  . A A 1 12 ? 5.595   -8.087  3.691   1.00 0.00 ? 12 A A "H3'"  1 
ATOM 382 H "H2'"  . A A 1 12 ? 3.531   -8.175  4.813   1.00 0.00 ? 12 A A "H2'"  1 
ATOM 383 H "HO2'" . A A 1 12 ? 4.194   -9.566  7.055   1.00 0.00 ? 12 A A "HO2'" 1 
ATOM 384 H "H1'"  . A A 1 12 ? 4.355   -7.555  7.309   1.00 0.00 ? 12 A A "H1'"  1 
ATOM 385 H H8     . A A 1 12 ? 4.007   -6.416  3.785   1.00 0.00 ? 12 A A H8     1 
ATOM 386 H H61    . A A 1 12 ? 4.215   -0.612  5.793   1.00 0.00 ? 12 A A H61    1 
ATOM 387 H H62    . A A 1 12 ? 3.811   -1.655  4.450   1.00 0.00 ? 12 A A H62    1 
ATOM 388 H H2     . A A 1 12 ? 5.498   -3.291  9.168   1.00 0.00 ? 12 A A H2     1 
ATOM 389 P P      . G A 1 13 ? 5.416   -10.510 2.546   1.00 0.00 ? 13 G A P      1 
ATOM 390 O OP1    . G A 1 13 ? 5.307   -11.982 2.429   1.00 0.00 ? 13 G A OP1    1 
ATOM 391 O OP2    . G A 1 13 ? 6.437   -9.781  1.760   1.00 0.00 ? 13 G A OP2    1 
ATOM 392 O "O5'"  . G A 1 13 ? 3.974   -9.872  2.214   1.00 0.00 ? 13 G A "O5'"  1 
ATOM 393 C "C5'"  . G A 1 13 ? 3.392   -10.027 0.917   1.00 0.00 ? 13 G A "C5'"  1 
ATOM 394 C "C4'"  . G A 1 13 ? 1.899   -9.712  0.930   1.00 0.00 ? 13 G A "C4'"  1 
ATOM 395 O "O4'"  . G A 1 13 ? 1.664   -8.433  1.525   1.00 0.00 ? 13 G A "O4'"  1 
ATOM 396 C "C3'"  . G A 1 13 ? 1.338   -9.711  -0.490  1.00 0.00 ? 13 G A "C3'"  1 
ATOM 397 O "O3'"  . G A 1 13 ? 0.394   -10.776 -0.642  1.00 0.00 ? 13 G A "O3'"  1 
ATOM 398 C "C2'"  . G A 1 13 ? 0.633   -8.367  -0.633  1.00 0.00 ? 13 G A "C2'"  1 
ATOM 399 O "O2'"  . G A 1 13 ? -0.695  -8.529  -1.143  1.00 0.00 ? 13 G A "O2'"  1 
ATOM 400 C "C1'"  . G A 1 13 ? 0.614   -7.810  0.783   1.00 0.00 ? 13 G A "C1'"  1 
ATOM 401 N N9     . G A 1 13 ? 0.793   -6.345  0.768   1.00 0.00 ? 13 G A N9     1 
ATOM 402 C C8     . G A 1 13 ? 1.376   -5.538  1.689   1.00 0.00 ? 13 G A C8     1 
ATOM 403 N N7     . G A 1 13 ? 1.409   -4.272  1.442   1.00 0.00 ? 13 G A N7     1 
ATOM 404 C C5     . G A 1 13 ? 0.772   -4.206  0.200   1.00 0.00 ? 13 G A C5     1 
ATOM 405 C C6     . G A 1 13 ? 0.494   -3.078  -0.619  1.00 0.00 ? 13 G A C6     1 
ATOM 406 O O6     . G A 1 13 ? 0.760   -1.898  -0.404  1.00 0.00 ? 13 G A O6     1 
ATOM 407 N N1     . G A 1 13 ? -0.159  -3.444  -1.787  1.00 0.00 ? 13 G A N1     1 
ATOM 408 C C2     . G A 1 13 ? -0.504  -4.734  -2.134  1.00 0.00 ? 13 G A C2     1 
ATOM 409 N N2     . G A 1 13 ? -1.126  -4.881  -3.304  1.00 0.00 ? 13 G A N2     1 
ATOM 410 N N3     . G A 1 13 ? -0.246  -5.804  -1.369  1.00 0.00 ? 13 G A N3     1 
ATOM 411 C C4     . G A 1 13 ? 0.392   -5.471  -0.222  1.00 0.00 ? 13 G A C4     1 
ATOM 412 H "H5'"  . G A 1 13 ? 3.534   -11.054 0.582   1.00 0.00 ? 13 G A "H5'"  1 
ATOM 413 H "H5''" . G A 1 13 ? 3.890   -9.353  0.220   1.00 0.00 ? 13 G A "H5''" 1 
ATOM 414 H "H4'"  . G A 1 13 ? 1.382   -10.475 1.514   1.00 0.00 ? 13 G A "H4'"  1 
ATOM 415 H "H3'"  . G A 1 13 ? 2.144   -9.798  -1.220  1.00 0.00 ? 13 G A "H3'"  1 
ATOM 416 H "H2'"  . G A 1 13 ? 1.216   -7.710  -1.282  1.00 0.00 ? 13 G A "H2'"  1 
ATOM 417 H "HO2'" . G A 1 13 ? -0.801  -7.907  -1.866  1.00 0.00 ? 13 G A "HO2'" 1 
ATOM 418 H "H1'"  . G A 1 13 ? -0.344  -8.046  1.251   1.00 0.00 ? 13 G A "H1'"  1 
ATOM 419 H H8     . G A 1 13 ? 1.817   -5.946  2.600   1.00 0.00 ? 13 G A H8     1 
ATOM 420 H H1     . G A 1 13 ? -0.389  -2.692  -2.420  1.00 0.00 ? 13 G A H1     1 
ATOM 421 H H21    . G A 1 13 ? -1.318  -4.073  -3.878  1.00 0.00 ? 13 G A H21    1 
ATOM 422 H H22    . G A 1 13 ? -1.402  -5.801  -3.617  1.00 0.00 ? 13 G A H22    1 
ATOM 423 P P      . G A 1 14 ? 0.796   -12.115 -1.439  1.00 0.00 ? 14 G A P      1 
ATOM 424 O OP1    . G A 1 14 ? -0.328  -12.478 -2.330  1.00 0.00 ? 14 G A OP1    1 
ATOM 425 O OP2    . G A 1 14 ? 1.308   -13.101 -0.459  1.00 0.00 ? 14 G A OP2    1 
ATOM 426 O "O5'"  . G A 1 14 ? 2.026   -11.626 -2.352  1.00 0.00 ? 14 G A "O5'"  1 
ATOM 427 C "C5'"  . G A 1 14 ? 1.793   -11.115 -3.666  1.00 0.00 ? 14 G A "C5'"  1 
ATOM 428 C "C4'"  . G A 1 14 ? 0.707   -10.042 -3.665  1.00 0.00 ? 14 G A "C4'"  1 
ATOM 429 O "O4'"  . G A 1 14 ? 1.214   -8.823  -3.105  1.00 0.00 ? 14 G A "O4'"  1 
ATOM 430 C "C3'"  . G A 1 14 ? 0.209   -9.781  -5.084  1.00 0.00 ? 14 G A "C3'"  1 
ATOM 431 O "O3'"  . G A 1 14 ? -1.221  -9.775  -5.137  1.00 0.00 ? 14 G A "O3'"  1 
ATOM 432 C "C2'"  . G A 1 14 ? 0.779   -8.418  -5.430  1.00 0.00 ? 14 G A "C2'"  1 
ATOM 433 O "O2'"  . G A 1 14 ? -0.153  -7.644  -6.194  1.00 0.00 ? 14 G A "O2'"  1 
ATOM 434 C "C1'"  . G A 1 14 ? 1.042   -7.783  -4.076  1.00 0.00 ? 14 G A "C1'"  1 
ATOM 435 N N9     . G A 1 14 ? 2.239   -6.927  -4.134  1.00 0.00 ? 14 G A N9     1 
ATOM 436 C C8     . G A 1 14 ? 3.510   -7.196  -3.749  1.00 0.00 ? 14 G A C8     1 
ATOM 437 N N7     . G A 1 14 ? 4.392   -6.269  -3.908  1.00 0.00 ? 14 G A N7     1 
ATOM 438 C C5     . G A 1 14 ? 3.628   -5.240  -4.470  1.00 0.00 ? 14 G A C5     1 
ATOM 439 C C6     . G A 1 14 ? 4.017   -3.937  -4.880  1.00 0.00 ? 14 G A C6     1 
ATOM 440 O O6     . G A 1 14 ? 5.133   -3.422  -4.829  1.00 0.00 ? 14 G A O6     1 
ATOM 441 N N1     . G A 1 14 ? 2.941   -3.222  -5.393  1.00 0.00 ? 14 G A N1     1 
ATOM 442 C C2     . G A 1 14 ? 1.649   -3.696  -5.497  1.00 0.00 ? 14 G A C2     1 
ATOM 443 N N2     . G A 1 14 ? 0.755   -2.856  -6.020  1.00 0.00 ? 14 G A N2     1 
ATOM 444 N N3     . G A 1 14 ? 1.275   -4.921  -5.112  1.00 0.00 ? 14 G A N3     1 
ATOM 445 C C4     . G A 1 14 ? 2.307   -5.636  -4.611  1.00 0.00 ? 14 G A C4     1 
ATOM 446 H "H5'"  . G A 1 14 ? 1.482   -11.934 -4.316  1.00 0.00 ? 14 G A "H5'"  1 
ATOM 447 H "H5''" . G A 1 14 ? 2.717   -10.685 -4.052  1.00 0.00 ? 14 G A "H5''" 1 
ATOM 448 H "H4'"  . G A 1 14 ? -0.128  -10.389 -3.057  1.00 0.00 ? 14 G A "H4'"  1 
ATOM 449 H "H3'"  . G A 1 14 ? 0.616   -10.532 -5.764  1.00 0.00 ? 14 G A "H3'"  1 
ATOM 450 H "HO3'" . G A 1 14 ? -1.533  -9.256  -4.393  1.00 0.00 ? 14 G A "HO3'" 1 
ATOM 451 H "H2'"  . G A 1 14 ? 1.719   -8.534  -5.974  1.00 0.00 ? 14 G A "H2'"  1 
ATOM 452 H "HO2'" . G A 1 14 ? -0.414  -6.895  -5.652  1.00 0.00 ? 14 G A "HO2'" 1 
ATOM 453 H "H1'"  . G A 1 14 ? 0.185   -7.171  -3.796  1.00 0.00 ? 14 G A "H1'"  1 
ATOM 454 H H8     . G A 1 14 ? 3.777   -8.165  -3.328  1.00 0.00 ? 14 G A H8     1 
ATOM 455 H H1     . G A 1 14 ? 3.144   -2.286  -5.709  1.00 0.00 ? 14 G A H1     1 
ATOM 456 H H21    . G A 1 14 ? 1.040   -1.931  -6.310  1.00 0.00 ? 14 G A H21    1 
ATOM 457 H H22    . G A 1 14 ? -0.207  -3.145  -6.126  1.00 0.00 ? 14 G A H22    1 
ATOM 458 O "O5'"  . G B 1 1  ? 2.027   9.226   -1.822  1.00 0.00 ? 15 G B "O5'"  1 
ATOM 459 C "C5'"  . G B 1 1  ? 1.663   9.866   -3.047  1.00 0.00 ? 15 G B "C5'"  1 
ATOM 460 C "C4'"  . G B 1 1  ? 0.380   9.285   -3.623  1.00 0.00 ? 15 G B "C4'"  1 
ATOM 461 O "O4'"  . G B 1 1  ? 0.348   7.862   -3.420  1.00 0.00 ? 15 G B "O4'"  1 
ATOM 462 C "C3'"  . G B 1 1  ? -0.856  9.892   -2.955  1.00 0.00 ? 15 G B "C3'"  1 
ATOM 463 O "O3'"  . G B 1 1  ? -1.893  10.065  -3.931  1.00 0.00 ? 15 G B "O3'"  1 
ATOM 464 C "C2'"  . G B 1 1  ? -1.257  8.820   -1.966  1.00 0.00 ? 15 G B "C2'"  1 
ATOM 465 O "O2'"  . G B 1 1  ? -2.660  8.857   -1.682  1.00 0.00 ? 15 G B "O2'"  1 
ATOM 466 C "C1'"  . G B 1 1  ? -0.874  7.579   -2.736  1.00 0.00 ? 15 G B "C1'"  1 
ATOM 467 N N9     . G B 1 1  ? -0.747  6.402   -1.861  1.00 0.00 ? 15 G B N9     1 
ATOM 468 C C8     . G B 1 1  ? 0.009   6.207   -0.754  1.00 0.00 ? 15 G B C8     1 
ATOM 469 N N7     . G B 1 1  ? -0.068  5.054   -0.174  1.00 0.00 ? 15 G B N7     1 
ATOM 470 C C5     . G B 1 1  ? -0.989  4.385   -0.991  1.00 0.00 ? 15 G B C5     1 
ATOM 471 C C6     . G B 1 1  ? -1.510  3.065   -0.897  1.00 0.00 ? 15 G B C6     1 
ATOM 472 O O6     . G B 1 1  ? -1.258  2.206   -0.053  1.00 0.00 ? 15 G B O6     1 
ATOM 473 N N1     . G B 1 1  ? -2.413  2.795   -1.926  1.00 0.00 ? 15 G B N1     1 
ATOM 474 C C2     . G B 1 1  ? -2.770  3.686   -2.922  1.00 0.00 ? 15 G B C2     1 
ATOM 475 N N2     . G B 1 1  ? -3.645  3.257   -3.840  1.00 0.00 ? 15 G B N2     1 
ATOM 476 N N3     . G B 1 1  ? -2.284  4.924   -3.009  1.00 0.00 ? 15 G B N3     1 
ATOM 477 C C4     . G B 1 1  ? -1.406  5.207   -2.023  1.00 0.00 ? 15 G B C4     1 
ATOM 478 H "H5'"  . G B 1 1  ? 2.466   9.726   -3.773  1.00 0.00 ? 15 G B "H5'"  1 
ATOM 479 H "H5''" . G B 1 1  ? 1.529   10.928  -2.865  1.00 0.00 ? 15 G B "H5''" 1 
ATOM 480 H "H4'"  . G B 1 1  ? 0.344   9.490   -4.693  1.00 0.00 ? 15 G B "H4'"  1 
ATOM 481 H "H3'"  . G B 1 1  ? -0.616  10.829  -2.448  1.00 0.00 ? 15 G B "H3'"  1 
ATOM 482 H "H2'"  . G B 1 1  ? -0.663  8.902   -1.052  1.00 0.00 ? 15 G B "H2'"  1 
ATOM 483 H "HO2'" . G B 1 1  ? -2.833  8.195   -1.010  1.00 0.00 ? 15 G B "HO2'" 1 
ATOM 484 H "H1'"  . G B 1 1  ? -1.642  7.387   -3.470  1.00 0.00 ? 15 G B "H1'"  1 
ATOM 485 H H8     . G B 1 1  ? 0.661   6.994   -0.370  1.00 0.00 ? 15 G B H8     1 
ATOM 486 H H1     . G B 1 1  ? -2.826  1.873   -1.925  1.00 0.00 ? 15 G B H1     1 
ATOM 487 H H21    . G B 1 1  ? -4.023  2.322   -3.788  1.00 0.00 ? 15 G B H21    1 
ATOM 488 H H22    . G B 1 1  ? -3.928  3.871   -4.589  1.00 0.00 ? 15 G B H22    1 
ATOM 489 H "HO5'" . G B 1 1  ? 1.526   9.648   -1.119  1.00 0.00 ? 15 G B "HO5'" 1 
ATOM 490 P P      . G B 1 2  ? -3.190  10.972  -3.626  1.00 0.00 ? 16 G B P      1 
ATOM 491 O OP1    . G B 1 2  ? -3.074  12.225  -4.408  1.00 0.00 ? 16 G B OP1    1 
ATOM 492 O OP2    . G B 1 2  ? -3.377  11.033  -2.159  1.00 0.00 ? 16 G B OP2    1 
ATOM 493 O "O5'"  . G B 1 2  ? -4.391  10.094  -4.254  1.00 0.00 ? 16 G B "O5'"  1 
ATOM 494 C "C5'"  . G B 1 2  ? -4.147  9.185   -5.337  1.00 0.00 ? 16 G B "C5'"  1 
ATOM 495 C "C4'"  . G B 1 2  ? -5.323  8.229   -5.555  1.00 0.00 ? 16 G B "C4'"  1 
ATOM 496 O "O4'"  . G B 1 2  ? -5.030  6.938   -4.997  1.00 0.00 ? 16 G B "O4'"  1 
ATOM 497 C "C3'"  . G B 1 2  ? -6.584  8.770   -4.888  1.00 0.00 ? 16 G B "C3'"  1 
ATOM 498 O "O3'"  . G B 1 2  ? -7.743  8.432   -5.659  1.00 0.00 ? 16 G B "O3'"  1 
ATOM 499 C "C2'"  . G B 1 2  ? -6.620  8.027   -3.571  1.00 0.00 ? 16 G B "C2'"  1 
ATOM 500 O "O2'"  . G B 1 2  ? -7.963  7.837   -3.110  1.00 0.00 ? 16 G B "O2'"  1 
ATOM 501 C "C1'"  . G B 1 2  ? -5.958  6.706   -3.925  1.00 0.00 ? 16 G B "C1'"  1 
ATOM 502 N N9     . G B 1 2  ? -5.271  6.140   -2.753  1.00 0.00 ? 16 G B N9     1 
ATOM 503 C C8     . G B 1 2  ? -4.118  6.528   -2.161  1.00 0.00 ? 16 G B C8     1 
ATOM 504 N N7     . G B 1 2  ? -3.729  5.872   -1.119  1.00 0.00 ? 16 G B N7     1 
ATOM 505 C C5     . G B 1 2  ? -4.742  4.916   -0.990  1.00 0.00 ? 16 G B C5     1 
ATOM 506 C C6     . G B 1 2  ? -4.901  3.881   -0.028  1.00 0.00 ? 16 G B C6     1 
ATOM 507 O O6     . G B 1 2  ? -4.170  3.600   0.919   1.00 0.00 ? 16 G B O6     1 
ATOM 508 N N1     . G B 1 2  ? -6.057  3.144   -0.259  1.00 0.00 ? 16 G B N1     1 
ATOM 509 C C2     . G B 1 2  ? -6.953  3.371   -1.286  1.00 0.00 ? 16 G B C2     1 
ATOM 510 N N2     . G B 1 2  ? -8.003  2.552   -1.345  1.00 0.00 ? 16 G B N2     1 
ATOM 511 N N3     . G B 1 2  ? -6.811  4.344   -2.192  1.00 0.00 ? 16 G B N3     1 
ATOM 512 C C4     . G B 1 2  ? -5.691  5.074   -1.988  1.00 0.00 ? 16 G B C4     1 
ATOM 513 H "H5'"  . G B 1 2  ? -3.254  8.601   -5.114  1.00 0.00 ? 16 G B "H5'"  1 
ATOM 514 H "H5''" . G B 1 2  ? -3.980  9.756   -6.250  1.00 0.00 ? 16 G B "H5''" 1 
ATOM 515 H "H4'"  . G B 1 2  ? -5.498  8.119   -6.628  1.00 0.00 ? 16 G B "H4'"  1 
ATOM 516 H "H3'"  . G B 1 2  ? -6.511  9.847   -4.727  1.00 0.00 ? 16 G B "H3'"  1 
ATOM 517 H "H2'"  . G B 1 2  ? -6.022  8.558   -2.825  1.00 0.00 ? 16 G B "H2'"  1 
ATOM 518 H "HO2'" . G B 1 2  ? -8.001  8.149   -2.203  1.00 0.00 ? 16 G B "HO2'" 1 
ATOM 519 H "H1'"  . G B 1 2  ? -6.721  6.003   -4.261  1.00 0.00 ? 16 G B "H1'"  1 
ATOM 520 H H8     . G B 1 2  ? -3.532  7.356   -2.560  1.00 0.00 ? 16 G B H8     1 
ATOM 521 H H1     . G B 1 2  ? -6.235  2.387   0.384   1.00 0.00 ? 16 G B H1     1 
ATOM 522 H H21    . G B 1 2  ? -8.109  1.819   -0.659  1.00 0.00 ? 16 G B H21    1 
ATOM 523 H H22    . G B 1 2  ? -8.689  2.663   -2.076  1.00 0.00 ? 16 G B H22    1 
ATOM 524 P P      . A B 1 3  ? -8.103  9.234   -7.005  1.00 0.00 ? 17 A B P      1 
ATOM 525 O OP1    . A B 1 3  ? -6.896  9.971   -7.442  1.00 0.00 ? 17 A B OP1    1 
ATOM 526 O OP2    . A B 1 3  ? -9.374  9.960   -6.788  1.00 0.00 ? 17 A B OP2    1 
ATOM 527 O "O5'"  . A B 1 3  ? -8.372  8.041   -8.052  1.00 0.00 ? 17 A B "O5'"  1 
ATOM 528 C "C5'"  . A B 1 3  ? -8.008  6.696   -7.725  1.00 0.00 ? 17 A B "C5'"  1 
ATOM 529 C "C4'"  . A B 1 3  ? -7.857  5.843   -8.968  1.00 0.00 ? 17 A B "C4'"  1 
ATOM 530 O "O4'"  . A B 1 3  ? -6.574  6.065   -9.543  1.00 0.00 ? 17 A B "O4'"  1 
ATOM 531 C "C3'"  . A B 1 3  ? -8.012  4.361   -8.629  1.00 0.00 ? 17 A B "C3'"  1 
ATOM 532 O "O3'"  . A B 1 3  ? -9.247  3.865   -9.158  1.00 0.00 ? 17 A B "O3'"  1 
ATOM 533 C "C2'"  . A B 1 3  ? -6.845  3.714   -9.339  1.00 0.00 ? 17 A B "C2'"  1 
ATOM 534 O "O2'"  . A B 1 3  ? -7.221  3.262   -10.645 1.00 0.00 ? 17 A B "O2'"  1 
ATOM 535 C "C1'"  . A B 1 3  ? -5.847  4.853   -9.422  1.00 0.00 ? 17 A B "C1'"  1 
ATOM 536 N N9     . A B 1 3  ? -4.934  4.918   -8.254  1.00 0.00 ? 17 A B N9     1 
ATOM 537 C C8     . A B 1 3  ? -4.749  4.069   -7.195  1.00 0.00 ? 17 A B C8     1 
ATOM 538 N N7     . A B 1 3  ? -3.848  4.392   -6.330  1.00 0.00 ? 17 A B N7     1 
ATOM 539 C C5     . A B 1 3  ? -3.366  5.593   -6.855  1.00 0.00 ? 17 A B C5     1 
ATOM 540 C C6     . A B 1 3  ? -2.382  6.482   -6.423  1.00 0.00 ? 17 A B C6     1 
ATOM 541 N N6     . A B 1 3  ? -1.637  6.269   -5.346  1.00 0.00 ? 17 A B N6     1 
ATOM 542 N N1     . A B 1 3  ? -2.159  7.577   -7.172  1.00 0.00 ? 17 A B N1     1 
ATOM 543 C C2     . A B 1 3  ? -2.860  7.783   -8.285  1.00 0.00 ? 17 A B C2     1 
ATOM 544 N N3     . A B 1 3  ? -3.813  7.007   -8.788  1.00 0.00 ? 17 A B N3     1 
ATOM 545 C C4     . A B 1 3  ? -4.020  5.919   -8.018  1.00 0.00 ? 17 A B C4     1 
ATOM 546 H "H5'"  . A B 1 3  ? -8.771  6.257   -7.095  1.00 0.00 ? 17 A B "H5'"  1 
ATOM 547 H "H5''" . A B 1 3  ? -7.064  6.705   -7.184  1.00 0.00 ? 17 A B "H5''" 1 
ATOM 548 H "H4'"  . A B 1 3  ? -8.614  6.120   -9.692  1.00 0.00 ? 17 A B "H4'"  1 
ATOM 549 H "H3'"  . A B 1 3  ? -7.949  4.201   -7.551  1.00 0.00 ? 17 A B "H3'"  1 
ATOM 550 H "H2'"  . A B 1 3  ? -6.444  2.894   -8.752  1.00 0.00 ? 17 A B "H2'"  1 
ATOM 551 H "HO2'" . A B 1 3  ? -6.894  3.907   -11.276 1.00 0.00 ? 17 A B "HO2'" 1 
ATOM 552 H "H1'"  . A B 1 3  ? -5.266  4.733   -10.311 1.00 0.00 ? 17 A B "H1'"  1 
ATOM 553 H H8     . A B 1 3  ? -5.339  3.163   -7.064  1.00 0.00 ? 17 A B H8     1 
ATOM 554 H H61    . A B 1 3  ? -0.970  6.963   -5.049  1.00 0.00 ? 17 A B H61    1 
ATOM 555 H H62    . A B 1 3  ? -1.764  5.431   -4.804  1.00 0.00 ? 17 A B H62    1 
ATOM 556 H H2     . A B 1 3  ? -2.623  8.689   -8.844  1.00 0.00 ? 17 A B H2     1 
ATOM 557 P P      . G B 1 4  ? -10.061 2.706   -8.392  1.00 0.00 ? 18 G B P      1 
ATOM 558 O OP1    . G B 1 4  ? -11.067 2.153   -9.325  1.00 0.00 ? 18 G B OP1    1 
ATOM 559 O OP2    . G B 1 4  ? -10.484 3.229   -7.074  1.00 0.00 ? 18 G B OP2    1 
ATOM 560 O "O5'"  . G B 1 4  ? -8.931  1.585   -8.149  1.00 0.00 ? 18 G B "O5'"  1 
ATOM 561 C "C5'"  . G B 1 4  ? -8.928  0.811   -6.948  1.00 0.00 ? 18 G B "C5'"  1 
ATOM 562 C "C4'"  . G B 1 4  ? -8.038  -0.421  -7.075  1.00 0.00 ? 18 G B "C4'"  1 
ATOM 563 O "O4'"  . G B 1 4  ? -6.667  -0.067  -6.877  1.00 0.00 ? 18 G B "O4'"  1 
ATOM 564 C "C3'"  . G B 1 4  ? -8.436  -1.476  -6.044  1.00 0.00 ? 18 G B "C3'"  1 
ATOM 565 O "O3'"  . G B 1 4  ? -8.909  -2.653  -6.706  1.00 0.00 ? 18 G B "O3'"  1 
ATOM 566 C "C2'"  . G B 1 4  ? -7.152  -1.788  -5.288  1.00 0.00 ? 18 G B "C2'"  1 
ATOM 567 O "O2'"  . G B 1 4  ? -6.932  -3.200  -5.196  1.00 0.00 ? 18 G B "O2'"  1 
ATOM 568 C "C1'"  . G B 1 4  ? -6.068  -1.115  -6.114  1.00 0.00 ? 18 G B "C1'"  1 
ATOM 569 N N9     . G B 1 4  ? -5.005  -0.583  -5.241  1.00 0.00 ? 18 G B N9     1 
ATOM 570 C C8     . G B 1 4  ? -4.270  0.550   -5.363  1.00 0.00 ? 18 G B C8     1 
ATOM 571 N N7     . G B 1 4  ? -3.388  0.789   -4.450  1.00 0.00 ? 18 G B N7     1 
ATOM 572 C C5     . G B 1 4  ? -3.545  -0.314  -3.605  1.00 0.00 ? 18 G B C5     1 
ATOM 573 C C6     . G B 1 4  ? -2.862  -0.645  -2.403  1.00 0.00 ? 18 G B C6     1 
ATOM 574 O O6     . G B 1 4  ? -1.967  -0.019  -1.838  1.00 0.00 ? 18 G B O6     1 
ATOM 575 N N1     . G B 1 4  ? -3.325  -1.840  -1.866  1.00 0.00 ? 18 G B N1     1 
ATOM 576 C C2     . G B 1 4  ? -4.321  -2.625  -2.413  1.00 0.00 ? 18 G B C2     1 
ATOM 577 N N2     . G B 1 4  ? -4.624  -3.742  -1.753  1.00 0.00 ? 18 G B N2     1 
ATOM 578 N N3     . G B 1 4  ? -4.968  -2.320  -3.544  1.00 0.00 ? 18 G B N3     1 
ATOM 579 C C4     . G B 1 4  ? -4.534  -1.159  -4.083  1.00 0.00 ? 18 G B C4     1 
ATOM 580 H "H5'"  . G B 1 4  ? -9.947  0.492   -6.728  1.00 0.00 ? 18 G B "H5'"  1 
ATOM 581 H "H5''" . G B 1 4  ? -8.564  1.430   -6.127  1.00 0.00 ? 18 G B "H5''" 1 
ATOM 582 H "H4'"  . G B 1 4  ? -8.156  -0.840  -8.076  1.00 0.00 ? 18 G B "H4'"  1 
ATOM 583 H "H3'"  . G B 1 4  ? -9.193  -1.081  -5.364  1.00 0.00 ? 18 G B "H3'"  1 
ATOM 584 H "H2'"  . G B 1 4  ? -7.190  -1.339  -4.292  1.00 0.00 ? 18 G B "H2'"  1 
ATOM 585 H "HO2'" . G B 1 4  ? -6.121  -3.394  -5.673  1.00 0.00 ? 18 G B "HO2'" 1 
ATOM 586 H "H1'"  . G B 1 4  ? -5.632  -1.848  -6.792  1.00 0.00 ? 18 G B "H1'"  1 
ATOM 587 H H8     . G B 1 4  ? -4.422  1.240   -6.195  1.00 0.00 ? 18 G B H8     1 
ATOM 588 H H1     . G B 1 4  ? -2.887  -2.137  -1.004  1.00 0.00 ? 18 G B H1     1 
ATOM 589 H H21    . G B 1 4  ? -4.135  -3.974  -0.900  1.00 0.00 ? 18 G B H21    1 
ATOM 590 H H22    . G B 1 4  ? -5.342  -4.359  -2.106  1.00 0.00 ? 18 G B H22    1 
ATOM 591 P P      . G B 1 5  ? -10.474 -3.031  -6.675  1.00 0.00 ? 19 G B P      1 
ATOM 592 O OP1    . G B 1 5  ? -10.646 -4.342  -7.341  1.00 0.00 ? 19 G B OP1    1 
ATOM 593 O OP2    . G B 1 5  ? -11.242 -1.857  -7.145  1.00 0.00 ? 19 G B OP2    1 
ATOM 594 O "O5'"  . G B 1 5  ? -10.758 -3.224  -5.103  1.00 0.00 ? 19 G B "O5'"  1 
ATOM 595 C "C5'"  . G B 1 5  ? -10.191 -4.329  -4.394  1.00 0.00 ? 19 G B "C5'"  1 
ATOM 596 C "C4'"  . G B 1 5  ? -10.642 -4.353  -2.939  1.00 0.00 ? 19 G B "C4'"  1 
ATOM 597 O "O4'"  . G B 1 5  ? -9.576  -3.965  -2.074  1.00 0.00 ? 19 G B "O4'"  1 
ATOM 598 C "C3'"  . G B 1 5  ? -11.797 -3.393  -2.723  1.00 0.00 ? 19 G B "C3'"  1 
ATOM 599 O "O3'"  . G B 1 5  ? -13.042 -4.090  -2.838  1.00 0.00 ? 19 G B "O3'"  1 
ATOM 600 C "C2'"  . G B 1 5  ? -11.602 -2.899  -1.295  1.00 0.00 ? 19 G B "C2'"  1 
ATOM 601 O "O2'"  . G B 1 5  ? -12.536 -3.517  -0.402  1.00 0.00 ? 19 G B "O2'"  1 
ATOM 602 C "C1'"  . G B 1 5  ? -10.164 -3.296  -0.951  1.00 0.00 ? 19 G B "C1'"  1 
ATOM 603 N N9     . G B 1 5  ? -9.372  -2.106  -0.587  1.00 0.00 ? 19 G B N9     1 
ATOM 604 C C8     . G B 1 5  ? -9.350  -0.873  -1.152  1.00 0.00 ? 19 G B C8     1 
ATOM 605 N N7     . G B 1 5  ? -8.552  0.005   -0.642  1.00 0.00 ? 19 G B N7     1 
ATOM 606 C C5     . G B 1 5  ? -7.958  -0.717  0.396   1.00 0.00 ? 19 G B C5     1 
ATOM 607 C C6     . G B 1 5  ? -6.980  -0.311  1.343   1.00 0.00 ? 19 G B C6     1 
ATOM 608 O O6     . G B 1 5  ? -6.435  0.785   1.454   1.00 0.00 ? 19 G B O6     1 
ATOM 609 N N1     . G B 1 5  ? -6.656  -1.343  2.216   1.00 0.00 ? 19 G B N1     1 
ATOM 610 C C2     . G B 1 5  ? -7.204  -2.611  2.186   1.00 0.00 ? 19 G B C2     1 
ATOM 611 N N2     . G B 1 5  ? -6.763  -3.465  3.109   1.00 0.00 ? 19 G B N2     1 
ATOM 612 N N3     . G B 1 5  ? -8.125  -3.000  1.299   1.00 0.00 ? 19 G B N3     1 
ATOM 613 C C4     . G B 1 5  ? -8.456  -2.011  0.438   1.00 0.00 ? 19 G B C4     1 
ATOM 614 H "H5'"  . G B 1 5  ? -9.104  -4.256  -4.430  1.00 0.00 ? 19 G B "H5'"  1 
ATOM 615 H "H5''" . G B 1 5  ? -10.502 -5.256  -4.877  1.00 0.00 ? 19 G B "H5''" 1 
ATOM 616 H "H4'"  . G B 1 5  ? -10.962 -5.362  -2.680  1.00 0.00 ? 19 G B "H4'"  1 
ATOM 617 H "H3'"  . G B 1 5  ? -11.744 -2.561  -3.428  1.00 0.00 ? 19 G B "H3'"  1 
ATOM 618 H "H2'"  . G B 1 5  ? -11.704 -1.812  -1.263  1.00 0.00 ? 19 G B "H2'"  1 
ATOM 619 H "HO2'" . G B 1 5  ? -12.116 -4.306  -0.051  1.00 0.00 ? 19 G B "HO2'" 1 
ATOM 620 H "H1'"  . G B 1 5  ? -10.181 -3.977  -0.101  1.00 0.00 ? 19 G B "H1'"  1 
ATOM 621 H H8     . G B 1 5  ? -9.982  -0.633  -2.007  1.00 0.00 ? 19 G B H8     1 
ATOM 622 H H1     . G B 1 5  ? -5.965  -1.128  2.920   1.00 0.00 ? 19 G B H1     1 
ATOM 623 H H21    . G B 1 5  ? -6.068  -3.170  3.781   1.00 0.00 ? 19 G B H21    1 
ATOM 624 H H22    . G B 1 5  ? -7.126  -4.407  3.139   1.00 0.00 ? 19 G B H22    1 
ATOM 625 P P      . U B 1 6  ? -14.439 -3.300  -2.707  1.00 0.00 ? 20 U B P      1 
ATOM 626 O OP1    . U B 1 6  ? -15.503 -4.132  -3.311  1.00 0.00 ? 20 U B OP1    1 
ATOM 627 O OP2    . U B 1 6  ? -14.231 -1.911  -3.178  1.00 0.00 ? 20 U B OP2    1 
ATOM 628 O "O5'"  . U B 1 6  ? -14.671 -3.262  -1.114  1.00 0.00 ? 20 U B "O5'"  1 
ATOM 629 C "C5'"  . U B 1 6  ? -15.068 -4.442  -0.410  1.00 0.00 ? 20 U B "C5'"  1 
ATOM 630 C "C4'"  . U B 1 6  ? -15.000 -4.242  1.094   1.00 0.00 ? 20 U B "C4'"  1 
ATOM 631 O "O4'"  . U B 1 6  ? -13.864 -3.446  1.439   1.00 0.00 ? 20 U B "O4'"  1 
ATOM 632 C "C3'"  . U B 1 6  ? -16.266 -3.545  1.601   1.00 0.00 ? 20 U B "C3'"  1 
ATOM 633 O "O3'"  . U B 1 6  ? -16.942 -4.381  2.545   1.00 0.00 ? 20 U B "O3'"  1 
ATOM 634 C "C2'"  . U B 1 6  ? -15.757 -2.291  2.291   1.00 0.00 ? 20 U B "C2'"  1 
ATOM 635 O "O2'"  . U B 1 6  ? -16.421 -2.078  3.543   1.00 0.00 ? 20 U B "O2'"  1 
ATOM 636 C "C1'"  . U B 1 6  ? -14.282 -2.581  2.489   1.00 0.00 ? 20 U B "C1'"  1 
ATOM 637 N N1     . U B 1 6  ? -13.496 -1.335  2.490   1.00 0.00 ? 20 U B N1     1 
ATOM 638 C C2     . U B 1 6  ? -13.240 -0.743  3.712   1.00 0.00 ? 20 U B C2     1 
ATOM 639 O O2     . U B 1 6  ? -13.639 -1.228  4.769   1.00 0.00 ? 20 U B O2     1 
ATOM 640 N N3     . U B 1 6  ? -12.507 0.429   3.677   1.00 0.00 ? 20 U B N3     1 
ATOM 641 C C4     . U B 1 6  ? -12.015 1.052   2.543   1.00 0.00 ? 20 U B C4     1 
ATOM 642 O O4     . U B 1 6  ? -11.374 2.097   2.629   1.00 0.00 ? 20 U B O4     1 
ATOM 643 C C5     . U B 1 6  ? -12.330 0.364   1.310   1.00 0.00 ? 20 U B C5     1 
ATOM 644 C C6     . U B 1 6  ? -13.046 -0.786  1.320   1.00 0.00 ? 20 U B C6     1 
ATOM 645 H "H5'"  . U B 1 6  ? -14.410 -5.264  -0.692  1.00 0.00 ? 20 U B "H5'"  1 
ATOM 646 H "H5''" . U B 1 6  ? -16.088 -4.692  -0.682  1.00 0.00 ? 20 U B "H5''" 1 
ATOM 647 H "H4'"  . U B 1 6  ? -14.914 -5.215  1.578   1.00 0.00 ? 20 U B "H4'"  1 
ATOM 648 H "H3'"  . U B 1 6  ? -16.921 -3.284  0.768   1.00 0.00 ? 20 U B "H3'"  1 
ATOM 649 H "H2'"  . U B 1 6  ? -15.882 -1.426  1.635   1.00 0.00 ? 20 U B "H2'"  1 
ATOM 650 H "HO2'" . U B 1 6  ? -15.866 -2.458  4.228   1.00 0.00 ? 20 U B "HO2'" 1 
ATOM 651 H "H1'"  . U B 1 6  ? -14.145 -3.091  3.438   1.00 0.00 ? 20 U B "H1'"  1 
ATOM 652 H H3     . U B 1 6  ? -12.313 0.874   4.563   1.00 0.00 ? 20 U B H3     1 
ATOM 653 H H5     . U B 1 6  ? -11.986 0.776   0.362   1.00 0.00 ? 20 U B H5     1 
ATOM 654 H H6     . U B 1 6  ? -13.269 -1.284  0.376   1.00 0.00 ? 20 U B H6     1 
ATOM 655 P P      . U B 1 7  ? -18.506 -4.717  2.368   1.00 0.00 ? 21 U B P      1 
ATOM 656 O OP1    . U B 1 7  ? -19.046 -3.853  1.293   1.00 0.00 ? 21 U B OP1    1 
ATOM 657 O OP2    . U B 1 7  ? -19.136 -4.711  3.707   1.00 0.00 ? 21 U B OP2    1 
ATOM 658 O "O5'"  . U B 1 7  ? -18.478 -6.234  1.829   1.00 0.00 ? 21 U B "O5'"  1 
ATOM 659 C "C5'"  . U B 1 7  ? -17.246 -6.957  1.766   1.00 0.00 ? 21 U B "C5'"  1 
ATOM 660 C "C4'"  . U B 1 7  ? -17.478 -8.438  1.483   1.00 0.00 ? 21 U B "C4'"  1 
ATOM 661 O "O4'"  . U B 1 7  ? -17.827 -8.636  0.111   1.00 0.00 ? 21 U B "O4'"  1 
ATOM 662 C "C3'"  . U B 1 7  ? -16.223 -9.247  1.801   1.00 0.00 ? 21 U B "C3'"  1 
ATOM 663 O "O3'"  . U B 1 7  ? -16.487 -10.146 2.882   1.00 0.00 ? 21 U B "O3'"  1 
ATOM 664 C "C2'"  . U B 1 7  ? -15.932 -10.033 0.529   1.00 0.00 ? 21 U B "C2'"  1 
ATOM 665 O "O2'"  . U B 1 7  ? -15.714 -11.420 0.814   1.00 0.00 ? 21 U B "O2'"  1 
ATOM 666 C "C1'"  . U B 1 7  ? -17.179 -9.833  -0.318  1.00 0.00 ? 21 U B "C1'"  1 
ATOM 667 N N1     . U B 1 7  ? -16.828 -9.747  -1.747  1.00 0.00 ? 21 U B N1     1 
ATOM 668 C C2     . U B 1 7  ? -16.922 -10.904 -2.496  1.00 0.00 ? 21 U B C2     1 
ATOM 669 O O2     . U B 1 7  ? -17.284 -11.971 -2.007  1.00 0.00 ? 21 U B O2     1 
ATOM 670 N N3     . U B 1 7  ? -16.584 -10.790 -3.832  1.00 0.00 ? 21 U B N3     1 
ATOM 671 C C4     . U B 1 7  ? -16.166 -9.636  -4.474  1.00 0.00 ? 21 U B C4     1 
ATOM 672 O O4     . U B 1 7  ? -15.887 -9.650  -5.671  1.00 0.00 ? 21 U B O4     1 
ATOM 673 C C5     . U B 1 7  ? -16.099 -8.477  -3.614  1.00 0.00 ? 21 U B C5     1 
ATOM 674 C C6     . U B 1 7  ? -16.425 -8.564  -2.302  1.00 0.00 ? 21 U B C6     1 
ATOM 675 H "H5'"  . U B 1 7  ? -16.723 -6.855  2.717   1.00 0.00 ? 21 U B "H5'"  1 
ATOM 676 H "H5''" . U B 1 7  ? -16.628 -6.537  0.972   1.00 0.00 ? 21 U B "H5''" 1 
ATOM 677 H "H4'"  . U B 1 7  ? -18.296 -8.793  2.112   1.00 0.00 ? 21 U B "H4'"  1 
ATOM 678 H "H3'"  . U B 1 7  ? -15.389 -8.584  2.040   1.00 0.00 ? 21 U B "H3'"  1 
ATOM 679 H "H2'"  . U B 1 7  ? -15.064 -9.606  0.020   1.00 0.00 ? 21 U B "H2'"  1 
ATOM 680 H "HO2'" . U B 1 7  ? -16.429 -11.911 0.402   1.00 0.00 ? 21 U B "HO2'" 1 
ATOM 681 H "H1'"  . U B 1 7  ? -17.851 -10.676 -0.169  1.00 0.00 ? 21 U B "H1'"  1 
ATOM 682 H H3     . U B 1 7  ? -16.649 -11.628 -4.393  1.00 0.00 ? 21 U B H3     1 
ATOM 683 H H5     . U B 1 7  ? -15.780 -7.520  -4.026  1.00 0.00 ? 21 U B H5     1 
ATOM 684 H H6     . U B 1 7  ? -16.369 -7.672  -1.678  1.00 0.00 ? 21 U B H6     1 
ATOM 685 P P      . U B 1 8  ? -16.602 -9.597  4.390   1.00 0.00 ? 22 U B P      1 
ATOM 686 O OP1    . U B 1 8  ? -17.828 -10.164 4.995   1.00 0.00 ? 22 U B OP1    1 
ATOM 687 O OP2    . U B 1 8  ? -16.403 -8.131  4.364   1.00 0.00 ? 22 U B OP2    1 
ATOM 688 O "O5'"  . U B 1 8  ? -15.328 -10.268 5.111   1.00 0.00 ? 22 U B "O5'"  1 
ATOM 689 C "C5'"  . U B 1 8  ? -14.005 -9.794  4.845   1.00 0.00 ? 22 U B "C5'"  1 
ATOM 690 C "C4'"  . U B 1 8  ? -12.952 -10.779 5.341   1.00 0.00 ? 22 U B "C4'"  1 
ATOM 691 O "O4'"  . U B 1 8  ? -13.212 -12.090 4.823   1.00 0.00 ? 22 U B "O4'"  1 
ATOM 692 C "C3'"  . U B 1 8  ? -11.562 -10.348 4.898   1.00 0.00 ? 22 U B "C3'"  1 
ATOM 693 O "O3'"  . U B 1 8  ? -10.911 -9.621  5.948   1.00 0.00 ? 22 U B "O3'"  1 
ATOM 694 C "C2'"  . U B 1 8  ? -10.844 -11.660 4.652   1.00 0.00 ? 22 U B "C2'"  1 
ATOM 695 O "O2'"  . U B 1 8  ? -10.111 -12.080 5.807   1.00 0.00 ? 22 U B "O2'"  1 
ATOM 696 C "C1'"  . U B 1 8  ? -11.974 -12.628 4.332   1.00 0.00 ? 22 U B "C1'"  1 
ATOM 697 N N1     . U B 1 8  ? -12.049 -12.863 2.880   1.00 0.00 ? 22 U B N1     1 
ATOM 698 C C2     . U B 1 8  ? -11.128 -13.730 2.325   1.00 0.00 ? 22 U B C2     1 
ATOM 699 O O2     . U B 1 8  ? -10.279 -14.303 3.003   1.00 0.00 ? 22 U B O2     1 
ATOM 700 N N3     . U B 1 8  ? -11.217 -13.916 0.958   1.00 0.00 ? 22 U B N3     1 
ATOM 701 C C4     . U B 1 8  ? -12.135 -13.318 0.112   1.00 0.00 ? 22 U B C4     1 
ATOM 702 O O4     . U B 1 8  ? -12.122 -13.556 -1.094  1.00 0.00 ? 22 U B O4     1 
ATOM 703 C C5     . U B 1 8  ? -13.058 -12.429 0.779   1.00 0.00 ? 22 U B C5     1 
ATOM 704 C C6     . U B 1 8  ? -12.990 -12.233 2.119   1.00 0.00 ? 22 U B C6     1 
ATOM 705 H "H5'"  . U B 1 8  ? -13.863 -8.837  5.346   1.00 0.00 ? 22 U B "H5'"  1 
ATOM 706 H "H5''" . U B 1 8  ? -13.885 -9.655  3.770   1.00 0.00 ? 22 U B "H5''" 1 
ATOM 707 H "H4'"  . U B 1 8  ? -12.983 -10.815 6.429   1.00 0.00 ? 22 U B "H4'"  1 
ATOM 708 H "H3'"  . U B 1 8  ? -11.613 -9.758  3.982   1.00 0.00 ? 22 U B "H3'"  1 
ATOM 709 H "H2'"  . U B 1 8  ? -10.181 -11.564 3.788   1.00 0.00 ? 22 U B "H2'"  1 
ATOM 710 H "HO2'" . U B 1 8  ? -10.348 -12.993 5.981   1.00 0.00 ? 22 U B "HO2'" 1 
ATOM 711 H "H1'"  . U B 1 8  ? -11.781 -13.576 4.827   1.00 0.00 ? 22 U B "H1'"  1 
ATOM 712 H H3     . U B 1 8  ? -10.549 -14.547 0.538   1.00 0.00 ? 22 U B H3     1 
ATOM 713 H H5     . U B 1 8  ? -13.815 -11.905 0.198   1.00 0.00 ? 22 U B H5     1 
ATOM 714 H H6     . U B 1 8  ? -13.701 -11.563 2.600   1.00 0.00 ? 22 U B H6     1 
ATOM 715 P P      . U B 1 9  ? -9.335  -9.285  5.868   1.00 0.00 ? 23 U B P      1 
ATOM 716 O OP1    . U B 1 9  ? -8.680  -9.859  7.064   1.00 0.00 ? 23 U B OP1    1 
ATOM 717 O OP2    . U B 1 9  ? -9.184  -7.845  5.564   1.00 0.00 ? 23 U B OP2    1 
ATOM 718 O "O5'"  . U B 1 9  ? -8.855  -10.125 4.579   1.00 0.00 ? 23 U B "O5'"  1 
ATOM 719 C "C5'"  . U B 1 9  ? -8.266  -9.462  3.458   1.00 0.00 ? 23 U B "C5'"  1 
ATOM 720 C "C4'"  . U B 1 9  ? -8.237  -10.362 2.226   1.00 0.00 ? 23 U B "C4'"  1 
ATOM 721 O "O4'"  . U B 1 9  ? -9.551  -10.524 1.690   1.00 0.00 ? 23 U B "O4'"  1 
ATOM 722 C "C3'"  . U B 1 9  ? -7.342  -9.762  1.142   1.00 0.00 ? 23 U B "C3'"  1 
ATOM 723 O "O3'"  . U B 1 9  ? -6.136  -10.525 1.018   1.00 0.00 ? 23 U B "O3'"  1 
ATOM 724 C "C2'"  . U B 1 9  ? -8.160  -9.873  -0.140  1.00 0.00 ? 23 U B "C2'"  1 
ATOM 725 O "O2'"  . U B 1 9  ? -7.431  -10.562 -1.162  1.00 0.00 ? 23 U B "O2'"  1 
ATOM 726 C "C1'"  . U B 1 9  ? -9.397  -10.658 0.278   1.00 0.00 ? 23 U B "C1'"  1 
ATOM 727 N N1     . U B 1 9  ? -10.592 -10.162 -0.429  1.00 0.00 ? 23 U B N1     1 
ATOM 728 C C2     . U B 1 9  ? -10.978 -10.830 -1.575  1.00 0.00 ? 23 U B C2     1 
ATOM 729 O O2     . U B 1 9  ? -10.361 -11.804 -2.002  1.00 0.00 ? 23 U B O2     1 
ATOM 730 N N3     . U B 1 9  ? -12.101 -10.340 -2.216  1.00 0.00 ? 23 U B N3     1 
ATOM 731 C C4     . U B 1 9  ? -12.862 -9.254  -1.816  1.00 0.00 ? 23 U B C4     1 
ATOM 732 O O4     . U B 1 9  ? -13.845 -8.904  -2.465  1.00 0.00 ? 23 U B O4     1 
ATOM 733 C C5     . U B 1 9  ? -12.386 -8.617  -0.608  1.00 0.00 ? 23 U B C5     1 
ATOM 734 C C6     . U B 1 9  ? -11.287 -9.078  0.037   1.00 0.00 ? 23 U B C6     1 
ATOM 735 H "H5'"  . U B 1 9  ? -7.247  -9.173  3.711   1.00 0.00 ? 23 U B "H5'"  1 
ATOM 736 H "H5''" . U B 1 9  ? -8.845  -8.567  3.231   1.00 0.00 ? 23 U B "H5''" 1 
ATOM 737 H "H4'"  . U B 1 9  ? -7.848  -11.340 2.509   1.00 0.00 ? 23 U B "H4'"  1 
ATOM 738 H "H3'"  . U B 1 9  ? -7.122  -8.717  1.364   1.00 0.00 ? 23 U B "H3'"  1 
ATOM 739 H "H2'"  . U B 1 9  ? -8.452  -8.877  -0.481  1.00 0.00 ? 23 U B "H2'"  1 
ATOM 740 H "HO2'" . U B 1 9  ? -6.574  -10.792 -0.796  1.00 0.00 ? 23 U B "HO2'" 1 
ATOM 741 H "H1'"  . U B 1 9  ? -9.253  -11.710 0.033   1.00 0.00 ? 23 U B "H1'"  1 
ATOM 742 H H3     . U B 1 9  ? -12.394 -10.820 -3.056  1.00 0.00 ? 23 U B H3     1 
ATOM 743 H H5     . U B 1 9  ? -12.918 -7.752  -0.212  1.00 0.00 ? 23 U B H5     1 
ATOM 744 H H6     . U B 1 9  ? -10.951 -8.578  0.944   1.00 0.00 ? 23 U B H6     1 
ATOM 745 P P      . G B 1 10 ? -4.874  -9.931  0.210   1.00 0.00 ? 24 G B P      1 
ATOM 746 O OP1    . G B 1 10 ? -5.385  -9.043  -0.857  1.00 0.00 ? 24 G B OP1    1 
ATOM 747 O OP2    . G B 1 10 ? -3.975  -11.054 -0.134  1.00 0.00 ? 24 G B OP2    1 
ATOM 748 O "O5'"  . G B 1 10 ? -4.139  -9.019  1.314   1.00 0.00 ? 24 G B "O5'"  1 
ATOM 749 C "C5'"  . G B 1 10 ? -2.795  -9.307  1.712   1.00 0.00 ? 24 G B "C5'"  1 
ATOM 750 C "C4'"  . G B 1 10 ? -2.324  -8.381  2.827   1.00 0.00 ? 24 G B "C4'"  1 
ATOM 751 O "O4'"  . G B 1 10 ? -1.870  -7.128  2.289   1.00 0.00 ? 24 G B "O4'"  1 
ATOM 752 C "C3'"  . G B 1 10 ? -3.457  -8.110  3.819   1.00 0.00 ? 24 G B "C3'"  1 
ATOM 753 O "O3'"  . G B 1 10 ? -2.969  -8.224  5.162   1.00 0.00 ? 24 G B "O3'"  1 
ATOM 754 C "C2'"  . G B 1 10 ? -3.839  -6.672  3.528   1.00 0.00 ? 24 G B "C2'"  1 
ATOM 755 O "O2'"  . G B 1 10 ? -4.299  -5.997  4.706   1.00 0.00 ? 24 G B "O2'"  1 
ATOM 756 C "C1'"  . G B 1 10 ? -2.527  -6.102  3.033   1.00 0.00 ? 24 G B "C1'"  1 
ATOM 757 N N9     . G B 1 10 ? -2.734  -4.899  2.209   1.00 0.00 ? 24 G B N9     1 
ATOM 758 C C8     . G B 1 10 ? -3.402  -4.749  1.040   1.00 0.00 ? 24 G B C8     1 
ATOM 759 N N7     . G B 1 10 ? -3.432  -3.569  0.517   1.00 0.00 ? 24 G B N7     1 
ATOM 760 C C5     . G B 1 10 ? -2.695  -2.827  1.444   1.00 0.00 ? 24 G B C5     1 
ATOM 761 C C6     . G B 1 10 ? -2.360  -1.446  1.448   1.00 0.00 ? 24 G B C6     1 
ATOM 762 O O6     . G B 1 10 ? -2.652  -0.590  0.615   1.00 0.00 ? 24 G B O6     1 
ATOM 763 N N1     . G B 1 10 ? -1.607  -1.107  2.566   1.00 0.00 ? 24 G B N1     1 
ATOM 764 C C2     . G B 1 10 ? -1.221  -1.985  3.561   1.00 0.00 ? 24 G B C2     1 
ATOM 765 N N2     . G B 1 10 ? -0.515  -1.470  4.569   1.00 0.00 ? 24 G B N2     1 
ATOM 766 N N3     . G B 1 10 ? -1.530  -3.284  3.562   1.00 0.00 ? 24 G B N3     1 
ATOM 767 C C4     . G B 1 10 ? -2.264  -3.637  2.483   1.00 0.00 ? 24 G B C4     1 
ATOM 768 H "H5'"  . G B 1 10 ? -2.141  -9.186  0.850   1.00 0.00 ? 24 G B "H5'"  1 
ATOM 769 H "H5''" . G B 1 10 ? -2.734  -10.336 2.058   1.00 0.00 ? 24 G B "H5''" 1 
ATOM 770 H "H4'"  . G B 1 10 ? -1.499  -8.858  3.356   1.00 0.00 ? 24 G B "H4'"  1 
ATOM 771 H "H3'"  . G B 1 10 ? -4.299  -8.780  3.641   1.00 0.00 ? 24 G B "H3'"  1 
ATOM 772 H "H2'"  . G B 1 10 ? -4.588  -6.635  2.734   1.00 0.00 ? 24 G B "H2'"  1 
ATOM 773 H "HO2'" . G B 1 10 ? -5.154  -5.615  4.498   1.00 0.00 ? 24 G B "HO2'" 1 
ATOM 774 H "H1'"  . G B 1 10 ? -1.916  -5.838  3.892   1.00 0.00 ? 24 G B "H1'"  1 
ATOM 775 H H8     . G B 1 10 ? -3.895  -5.594  0.558   1.00 0.00 ? 24 G B H8     1 
ATOM 776 H H1     . G B 1 10 ? -1.329  -0.138  2.637   1.00 0.00 ? 24 G B H1     1 
ATOM 777 H H21    . G B 1 10 ? -0.281  -0.488  4.571   1.00 0.00 ? 24 G B H21    1 
ATOM 778 H H22    . G B 1 10 ? -0.216  -2.061  5.331   1.00 0.00 ? 24 G B H22    1 
ATOM 779 P P      . G B 1 11 ? -3.992  -8.330  6.402   1.00 0.00 ? 25 G B P      1 
ATOM 780 O OP1    . G B 1 11 ? -3.747  -9.614  7.096   1.00 0.00 ? 25 G B OP1    1 
ATOM 781 O OP2    . G B 1 11 ? -5.349  -8.002  5.913   1.00 0.00 ? 25 G B OP2    1 
ATOM 782 O "O5'"  . G B 1 11 ? -3.498  -7.134  7.365   1.00 0.00 ? 25 G B "O5'"  1 
ATOM 783 C "C5'"  . G B 1 11 ? -2.115  -6.771  7.417   1.00 0.00 ? 25 G B "C5'"  1 
ATOM 784 C "C4'"  . G B 1 11 ? -1.914  -5.386  8.027   1.00 0.00 ? 25 G B "C4'"  1 
ATOM 785 O "O4'"  . G B 1 11 ? -1.739  -4.406  6.994   1.00 0.00 ? 25 G B "O4'"  1 
ATOM 786 C "C3'"  . G B 1 11 ? -3.112  -4.994  8.892   1.00 0.00 ? 25 G B "C3'"  1 
ATOM 787 O "O3'"  . G B 1 11 ? -2.667  -4.551  10.178  1.00 0.00 ? 25 G B "O3'"  1 
ATOM 788 C "C2'"  . G B 1 11 ? -3.751  -3.839  8.144   1.00 0.00 ? 25 G B "C2'"  1 
ATOM 789 O "O2'"  . G B 1 11 ? -4.236  -2.835  9.045   1.00 0.00 ? 25 G B "O2'"  1 
ATOM 790 C "C1'"  . G B 1 11 ? -2.613  -3.314  7.289   1.00 0.00 ? 25 G B "C1'"  1 
ATOM 791 N N9     . G B 1 11 ? -3.131  -2.708  6.049   1.00 0.00 ? 25 G B N9     1 
ATOM 792 C C8     . G B 1 11 ? -3.668  -3.304  4.958   1.00 0.00 ? 25 G B C8     1 
ATOM 793 N N7     . G B 1 11 ? -4.061  -2.541  3.992   1.00 0.00 ? 25 G B N7     1 
ATOM 794 C C5     . G B 1 11 ? -3.750  -1.271  4.489   1.00 0.00 ? 25 G B C5     1 
ATOM 795 C C6     . G B 1 11 ? -3.934  0.009   3.899   1.00 0.00 ? 25 G B C6     1 
ATOM 796 O O6     . G B 1 11 ? -4.418  0.282   2.802   1.00 0.00 ? 25 G B O6     1 
ATOM 797 N N1     . G B 1 11 ? -3.484  1.025   4.733   1.00 0.00 ? 25 G B N1     1 
ATOM 798 C C2     . G B 1 11 ? -2.925  0.840   5.981   1.00 0.00 ? 25 G B C2     1 
ATOM 799 N N2     . G B 1 11 ? -2.551  1.944   6.631   1.00 0.00 ? 25 G B N2     1 
ATOM 800 N N3     . G B 1 11 ? -2.748  -0.360  6.544   1.00 0.00 ? 25 G B N3     1 
ATOM 801 C C4     . G B 1 11 ? -3.179  -1.366  5.749   1.00 0.00 ? 25 G B C4     1 
ATOM 802 H "H5'"  . G B 1 11 ? -1.710  -6.774  6.405   1.00 0.00 ? 25 G B "H5'"  1 
ATOM 803 H "H5''" . G B 1 11 ? -1.578  -7.505  8.017   1.00 0.00 ? 25 G B "H5''" 1 
ATOM 804 H "H4'"  . G B 1 11 ? -1.021  -5.404  8.652   1.00 0.00 ? 25 G B "H4'"  1 
ATOM 805 H "H3'"  . G B 1 11 ? -3.811  -5.829  8.984   1.00 0.00 ? 25 G B "H3'"  1 
ATOM 806 H "H2'"  . G B 1 11 ? -4.558  -4.208  7.505   1.00 0.00 ? 25 G B "H2'"  1 
ATOM 807 H "HO2'" . G B 1 11 ? -4.663  -3.290  9.775   1.00 0.00 ? 25 G B "HO2'" 1 
ATOM 808 H "H1'"  . G B 1 11 ? -2.064  -2.558  7.849   1.00 0.00 ? 25 G B "H1'"  1 
ATOM 809 H H8     . G B 1 11 ? -3.749  -4.390  4.888   1.00 0.00 ? 25 G B H8     1 
ATOM 810 H H1     . G B 1 11 ? -3.583  1.966   4.379   1.00 0.00 ? 25 G B H1     1 
ATOM 811 H H21    . G B 1 11 ? -2.686  2.850   6.205   1.00 0.00 ? 25 G B H21    1 
ATOM 812 H H22    . G B 1 11 ? -2.135  1.874   7.548   1.00 0.00 ? 25 G B H22    1 
ATOM 813 P P      . A B 1 12 ? -2.216  -5.611  11.301  1.00 0.00 ? 26 A B P      1 
ATOM 814 O OP1    . A B 1 12 ? -2.024  -6.925  10.646  1.00 0.00 ? 26 A B OP1    1 
ATOM 815 O OP2    . A B 1 12 ? -3.140  -5.488  12.451  1.00 0.00 ? 26 A B OP2    1 
ATOM 816 O "O5'"  . A B 1 12 ? -0.773  -5.055  11.750  1.00 0.00 ? 26 A B "O5'"  1 
ATOM 817 C "C5'"  . A B 1 12 ? -0.355  -3.734  11.394  1.00 0.00 ? 26 A B "C5'"  1 
ATOM 818 C "C4'"  . A B 1 12 ? 1.161   -3.593  11.469  1.00 0.00 ? 26 A B "C4'"  1 
ATOM 819 O "O4'"  . A B 1 12 ? 1.797   -4.647  10.730  1.00 0.00 ? 26 A B "O4'"  1 
ATOM 820 C "C3'"  . A B 1 12 ? 1.614   -2.254  10.902  1.00 0.00 ? 26 A B "C3'"  1 
ATOM 821 O "O3'"  . A B 1 12 ? 1.863   -1.324  11.961  1.00 0.00 ? 26 A B "O3'"  1 
ATOM 822 C "C2'"  . A B 1 12 ? 2.907   -2.605  10.195  1.00 0.00 ? 26 A B "C2'"  1 
ATOM 823 O "O2'"  . A B 1 12 ? 4.024   -2.539  11.089  1.00 0.00 ? 26 A B "O2'"  1 
ATOM 824 C "C1'"  . A B 1 12 ? 2.639   -4.032  9.748   1.00 0.00 ? 26 A B "C1'"  1 
ATOM 825 N N9     . A B 1 12 ? 1.992   -4.070  8.419   1.00 0.00 ? 26 A B N9     1 
ATOM 826 C C8     . A B 1 12 ? 1.411   -3.074  7.697   1.00 0.00 ? 26 A B C8     1 
ATOM 827 N N7     . A B 1 12 ? 0.899   -3.386  6.556   1.00 0.00 ? 26 A B N7     1 
ATOM 828 C C5     . A B 1 12 ? 1.160   -4.757  6.495   1.00 0.00 ? 26 A B C5     1 
ATOM 829 C C6     . A B 1 12 ? 0.876   -5.728  5.531   1.00 0.00 ? 26 A B C6     1 
ATOM 830 N N6     . A B 1 12 ? 0.245   -5.455  4.391   1.00 0.00 ? 26 A B N6     1 
ATOM 831 N N1     . A B 1 12 ? 1.272   -6.987  5.786   1.00 0.00 ? 26 A B N1     1 
ATOM 832 C C2     . A B 1 12 ? 1.911   -7.277  6.922   1.00 0.00 ? 26 A B C2     1 
ATOM 833 N N3     . A B 1 12 ? 2.232   -6.435  7.901   1.00 0.00 ? 26 A B N3     1 
ATOM 834 C C4     . A B 1 12 ? 1.824   -5.181  7.621   1.00 0.00 ? 26 A B C4     1 
ATOM 835 H "H5'"  . A B 1 12 ? -0.814  -3.018  12.077  1.00 0.00 ? 26 A B "H5'"  1 
ATOM 836 H "H5''" . A B 1 12 ? -0.684  -3.517  10.377  1.00 0.00 ? 26 A B "H5''" 1 
ATOM 837 H "H4'"  . A B 1 12 ? 1.473   -3.657  12.508  1.00 0.00 ? 26 A B "H4'"  1 
ATOM 838 H "H3'"  . A B 1 12 ? 0.879   -1.864  10.194  1.00 0.00 ? 26 A B "H3'"  1 
ATOM 839 H "H2'"  . A B 1 12 ? 3.061   -1.955  9.332   1.00 0.00 ? 26 A B "H2'"  1 
ATOM 840 H "HO2'" . A B 1 12 ? 3.878   -1.793  11.674  1.00 0.00 ? 26 A B "HO2'" 1 
ATOM 841 H "H1'"  . A B 1 12 ? 3.581   -4.573  9.699   1.00 0.00 ? 26 A B "H1'"  1 
ATOM 842 H H8     . A B 1 12 ? 1.366   -2.054  8.070   1.00 0.00 ? 26 A B H8     1 
ATOM 843 H H61    . A B 1 12 ? 0.050   -6.193  3.731   1.00 0.00 ? 26 A B H61    1 
ATOM 844 H H62    . A B 1 12 ? -0.049  -4.510  4.190   1.00 0.00 ? 26 A B H62    1 
ATOM 845 H H2     . A B 1 12 ? 2.200   -8.318  7.064   1.00 0.00 ? 26 A B H2     1 
ATOM 846 P P      . G B 1 13 ? 0.996   0.028   12.078  1.00 0.00 ? 27 G B P      1 
ATOM 847 O OP1    . G B 1 13 ? 1.066   0.504   13.478  1.00 0.00 ? 27 G B OP1    1 
ATOM 848 O OP2    . G B 1 13 ? -0.321  -0.209  11.444  1.00 0.00 ? 27 G B OP2    1 
ATOM 849 O "O5'"  . G B 1 13 ? 1.821   1.056   11.154  1.00 0.00 ? 27 G B "O5'"  1 
ATOM 850 C "C5'"  . G B 1 13 ? 1.719   0.995   9.729   1.00 0.00 ? 27 G B "C5'"  1 
ATOM 851 C "C4'"  . G B 1 13 ? 2.682   1.968   9.057   1.00 0.00 ? 27 G B "C4'"  1 
ATOM 852 O "O4'"  . G B 1 13 ? 3.127   1.442   7.797   1.00 0.00 ? 27 G B "O4'"  1 
ATOM 853 C "C3'"  . G B 1 13 ? 2.012   3.316   8.827   1.00 0.00 ? 27 G B "C3'"  1 
ATOM 854 O "O3'"  . G B 1 13 ? 2.917   4.376   9.155   1.00 0.00 ? 27 G B "O3'"  1 
ATOM 855 C "C2'"  . G B 1 13 ? 1.712   3.329   7.340   1.00 0.00 ? 27 G B "C2'"  1 
ATOM 856 O "O2'"  . G B 1 13 ? 1.856   4.643   6.790   1.00 0.00 ? 27 G B "O2'"  1 
ATOM 857 C "C1'"  . G B 1 13 ? 2.747   2.370   6.771   1.00 0.00 ? 27 G B "C1'"  1 
ATOM 858 N N9     . G B 1 13 ? 2.207   1.654   5.600   1.00 0.00 ? 27 G B N9     1 
ATOM 859 C C8     . G B 1 13 ? 2.031   0.322   5.409   1.00 0.00 ? 27 G B C8     1 
ATOM 860 N N7     . G B 1 13 ? 1.545   -0.059  4.278   1.00 0.00 ? 27 G B N7     1 
ATOM 861 C C5     . G B 1 13 ? 1.363   1.158   3.618   1.00 0.00 ? 27 G B C5     1 
ATOM 862 C C6     . G B 1 13 ? 0.850   1.418   2.319   1.00 0.00 ? 27 G B C6     1 
ATOM 863 O O6     . G B 1 13 ? 0.443   0.612   1.485   1.00 0.00 ? 27 G B O6     1 
ATOM 864 N N1     . G B 1 13 ? 0.835   2.778   2.040   1.00 0.00 ? 27 G B N1     1 
ATOM 865 C C2     . G B 1 13 ? 1.258   3.771   2.902   1.00 0.00 ? 27 G B C2     1 
ATOM 866 N N2     . G B 1 13 ? 1.161   5.023   2.453   1.00 0.00 ? 27 G B N2     1 
ATOM 867 N N3     . G B 1 13 ? 1.742   3.535   4.127   1.00 0.00 ? 27 G B N3     1 
ATOM 868 C C4     . G B 1 13 ? 1.767   2.215   4.420   1.00 0.00 ? 27 G B C4     1 
ATOM 869 H "H5'"  . G B 1 13 ? 0.699   1.242   9.435   1.00 0.00 ? 27 G B "H5'"  1 
ATOM 870 H "H5''" . G B 1 13 ? 1.949   -0.018  9.400   1.00 0.00 ? 27 G B "H5''" 1 
ATOM 871 H "H4'"  . G B 1 13 ? 3.547   2.110   9.705   1.00 0.00 ? 27 G B "H4'"  1 
ATOM 872 H "H3'"  . G B 1 13 ? 1.090   3.394   9.407   1.00 0.00 ? 27 G B "H3'"  1 
ATOM 873 H "H2'"  . G B 1 13 ? 0.707   2.941   7.160   1.00 0.00 ? 27 G B "H2'"  1 
ATOM 874 H "HO2'" . G B 1 13 ? 1.763   4.565   5.838   1.00 0.00 ? 27 G B "HO2'" 1 
ATOM 875 H "H1'"  . G B 1 13 ? 3.626   2.937   6.461   1.00 0.00 ? 27 G B "H1'"  1 
ATOM 876 H H8     . G B 1 13 ? 2.277   -0.398  6.190   1.00 0.00 ? 27 G B H8     1 
ATOM 877 H H1     . G B 1 13 ? 0.480   3.041   1.132   1.00 0.00 ? 27 G B H1     1 
ATOM 878 H H21    . G B 1 13 ? 0.796   5.201   1.529   1.00 0.00 ? 27 G B H21    1 
ATOM 879 H H22    . G B 1 13 ? 1.451   5.793   3.038   1.00 0.00 ? 27 G B H22    1 
ATOM 880 P P      . G B 1 14 ? 2.676   5.282   10.464  1.00 0.00 ? 28 G B P      1 
ATOM 881 O OP1    . G B 1 14 ? 3.993   5.602   11.057  1.00 0.00 ? 28 G B OP1    1 
ATOM 882 O OP2    . G B 1 14 ? 1.633   4.634   11.290  1.00 0.00 ? 28 G B OP2    1 
ATOM 883 O "O5'"  . G B 1 14 ? 2.060   6.634   9.844   1.00 0.00 ? 28 G B "O5'"  1 
ATOM 884 C "C5'"  . G B 1 14 ? 1.032   6.571   8.854   1.00 0.00 ? 28 G B "C5'"  1 
ATOM 885 C "C4'"  . G B 1 14 ? 1.369   7.430   7.637   1.00 0.00 ? 28 G B "C4'"  1 
ATOM 886 O "O4'"  . G B 1 14 ? 1.000   6.751   6.431   1.00 0.00 ? 28 G B "O4'"  1 
ATOM 887 C "C3'"  . G B 1 14 ? 0.625   8.756   7.688   1.00 0.00 ? 28 G B "C3'"  1 
ATOM 888 O "O3'"  . G B 1 14 ? 1.392   9.808   7.091   1.00 0.00 ? 28 G B "O3'"  1 
ATOM 889 C "C2'"  . G B 1 14 ? -0.631  8.465   6.891   1.00 0.00 ? 28 G B "C2'"  1 
ATOM 890 O "O2'"  . G B 1 14 ? -1.094  9.632   6.204   1.00 0.00 ? 28 G B "O2'"  1 
ATOM 891 C "C1'"  . G B 1 14 ? -0.180  7.386   5.912   1.00 0.00 ? 28 G B "C1'"  1 
ATOM 892 N N9     . G B 1 14 ? -1.250  6.394   5.710   1.00 0.00 ? 28 G B N9     1 
ATOM 893 C C8     . G B 1 14 ? -1.718  5.442   6.555   1.00 0.00 ? 28 G B C8     1 
ATOM 894 N N7     . G B 1 14 ? -2.675  4.685   6.134   1.00 0.00 ? 28 G B N7     1 
ATOM 895 C C5     . G B 1 14 ? -2.884  5.181   4.844   1.00 0.00 ? 28 G B C5     1 
ATOM 896 C C6     . G B 1 14 ? -3.813  4.769   3.851   1.00 0.00 ? 28 G B C6     1 
ATOM 897 O O6     . G B 1 14 ? -4.649  3.871   3.914   1.00 0.00 ? 28 G B O6     1 
ATOM 898 N N1     . G B 1 14 ? -3.695  5.531   2.695   1.00 0.00 ? 28 G B N1     1 
ATOM 899 C C2     . G B 1 14 ? -2.796  6.563   2.511   1.00 0.00 ? 28 G B C2     1 
ATOM 900 N N2     . G B 1 14 ? -2.834  7.174   1.327   1.00 0.00 ? 28 G B N2     1 
ATOM 901 N N3     . G B 1 14 ? -1.918  6.957   3.441   1.00 0.00 ? 28 G B N3     1 
ATOM 902 C C4     . G B 1 14 ? -2.016  6.229   4.576   1.00 0.00 ? 28 G B C4     1 
ATOM 903 H "H5'"  . G B 1 14 ? 0.096   6.919   9.290   1.00 0.00 ? 28 G B "H5'"  1 
ATOM 904 H "H5''" . G B 1 14 ? 0.911   5.536   8.535   1.00 0.00 ? 28 G B "H5''" 1 
ATOM 905 H "H4'"  . G B 1 14 ? 2.440   7.623   7.623   1.00 0.00 ? 28 G B "H4'"  1 
ATOM 906 H "H3'"  . G B 1 14 ? 0.364   9.003   8.720   1.00 0.00 ? 28 G B "H3'"  1 
ATOM 907 H "HO3'" . G B 1 14 ? 1.799   10.304  7.804   1.00 0.00 ? 28 G B "HO3'" 1 
ATOM 908 H "H2'"  . G B 1 14 ? -1.407  8.069   7.549   1.00 0.00 ? 28 G B "H2'"  1 
ATOM 909 H "HO2'" . G B 1 14 ? -0.606  10.382  6.552   1.00 0.00 ? 28 G B "HO2'" 1 
ATOM 910 H "H1'"  . G B 1 14 ? 0.055   7.850   4.956   1.00 0.00 ? 28 G B "H1'"  1 
ATOM 911 H H8     . G B 1 14 ? -1.300  5.322   7.555   1.00 0.00 ? 28 G B H8     1 
ATOM 912 H H1     . G B 1 14 ? -4.325  5.296   1.942   1.00 0.00 ? 28 G B H1     1 
ATOM 913 H H21    . G B 1 14 ? -3.496  6.876   0.625   1.00 0.00 ? 28 G B H21    1 
ATOM 914 H H22    . G B 1 14 ? -2.199  7.935   1.131   1.00 0.00 ? 28 G B H22    1 
# 
